data_6RKB
#
_entry.id   6RKB
#
_cell.length_a   132.345
_cell.length_b   222.398
_cell.length_c   86.389
_cell.angle_alpha   90.00
_cell.angle_beta   90.00
_cell.angle_gamma   90.00
#
_symmetry.space_group_name_H-M   'C 2 2 2'
#
loop_
_entity.id
_entity.type
_entity.pdbx_description
1 polymer 'Amine oxidase [flavin-containing] B'
2 non-polymer 'FLAVIN-ADENINE DINUCLEOTIDE'
3 non-polymer 4-[(~{E})-2-(4-fluorophenyl)ethenyl]-1-[(~{E})-prop-1-enyl]piperidine
4 non-polymer N-DODECYL-N,N-DIMETHYL-3-AMMONIO-1-PROPANESULFONATE
5 water water
#
_entity_poly.entity_id   1
_entity_poly.type   'polypeptide(L)'
_entity_poly.pdbx_seq_one_letter_code
;MSNKCDVVVVGGGISGMAAAKLLHDSGLNVVVLEARDRVGGRTYTLRNQKVKYVDLGGSYVGPTQNRILRLAKELGLETY
KVNEVERLIHHVKGKSYPFRGPFPPVWNPITYLDHNNFWRTMDDMGREIPSDAPWKAPLAEEWDNMTMKELLDKLCWTES
AKQLATLFVNLCVTAETHEVSALWFLWYVKQCGGTTRIISTTNGGQERKFVGGSGQVSERIMDLLGDRVKLERPVIYIDQ
TRENVLVETLNHEMYEAKYVISAIPPTLGMKIHFNPPLPMMRNQMITRVPLGSVIKCIVYYKEPFWRKKDYCGTMIIDGE
EAPVAYTLDDTKPEGNYAAIMGFILAHKARKLARLTKEERLKKLCELYAKVLGSLEALEPVHYEEKNWCEEQYSGGCYTT
YFPPGILTQYGRVLRQPVDRIYFAGTETATHWSGYMEGAVEAGERAAREILHAMGKIPEDEIWQSEPESVDVPAQPITTT
FLERHLPSVPGLLRLIGLTTIFSATALGFLAHKRGLLVRV
;
_entity_poly.pdbx_strand_id   A,B
#
loop_
_chem_comp.id
_chem_comp.type
_chem_comp.name
_chem_comp.formula
C15 non-polymer N-DODECYL-N,N-DIMETHYL-3-AMMONIO-1-PROPANESULFONATE 'C17 H38 N O3 S 1'
FAD non-polymer 'FLAVIN-ADENINE DINUCLEOTIDE' 'C27 H33 N9 O15 P2'
K6Q non-polymer 4-[(~{E})-2-(4-fluorophenyl)ethenyl]-1-[(~{E})-prop-1-enyl]piperidine 'C16 H20 F N'
#
# COMPACT_ATOMS: atom_id res chain seq x y z
N ASN A 3 -1.86 6.89 -34.64
CA ASN A 3 -0.71 5.93 -34.76
C ASN A 3 0.58 6.67 -34.40
N LYS A 4 1.07 7.57 -35.27
CA LYS A 4 2.41 8.20 -35.08
C LYS A 4 2.25 9.62 -34.51
N CYS A 5 3.13 9.96 -33.56
CA CYS A 5 3.21 11.31 -32.98
C CYS A 5 4.53 11.46 -32.21
N ASP A 6 4.76 12.65 -31.66
CA ASP A 6 5.95 12.97 -30.90
C ASP A 6 5.81 12.47 -29.46
N VAL A 7 4.66 12.71 -28.84
CA VAL A 7 4.43 12.40 -27.42
C VAL A 7 3.02 11.86 -27.21
N VAL A 8 2.95 10.68 -26.59
CA VAL A 8 1.72 10.17 -26.07
C VAL A 8 1.66 10.60 -24.60
N VAL A 9 0.54 11.21 -24.22
CA VAL A 9 0.24 11.50 -22.82
C VAL A 9 -0.83 10.49 -22.36
N VAL A 10 -0.54 9.79 -21.28
CA VAL A 10 -1.47 8.84 -20.70
C VAL A 10 -2.20 9.52 -19.54
N GLY A 11 -3.52 9.65 -19.68
CA GLY A 11 -4.37 10.32 -18.70
C GLY A 11 -4.73 11.71 -19.16
N GLY A 12 -6.03 12.00 -19.16
CA GLY A 12 -6.57 13.27 -19.59
C GLY A 12 -7.20 14.04 -18.45
N GLY A 13 -6.60 13.93 -17.25
CA GLY A 13 -6.87 14.82 -16.15
C GLY A 13 -6.17 16.16 -16.38
N ILE A 14 -6.20 17.03 -15.37
CA ILE A 14 -5.63 18.36 -15.47
C ILE A 14 -4.13 18.28 -15.78
N SER A 15 -3.42 17.33 -15.16
CA SER A 15 -1.98 17.18 -15.35
C SER A 15 -1.66 16.81 -16.80
N GLY A 16 -2.31 15.76 -17.28
CA GLY A 16 -2.16 15.28 -18.63
C GLY A 16 -2.51 16.37 -19.65
N MET A 17 -3.63 17.06 -19.41
CA MET A 17 -4.10 18.06 -20.37
C MET A 17 -3.19 19.29 -20.33
N ALA A 18 -2.63 19.62 -19.17
CA ALA A 18 -1.71 20.76 -19.04
C ALA A 18 -0.41 20.45 -19.81
N ALA A 19 0.06 19.20 -19.69
CA ALA A 19 1.25 18.72 -20.37
C ALA A 19 1.05 18.78 -21.89
N ALA A 20 -0.05 18.19 -22.35
CA ALA A 20 -0.40 18.15 -23.75
C ALA A 20 -0.43 19.57 -24.31
N LYS A 21 -0.99 20.51 -23.53
CA LYS A 21 -1.21 21.88 -24.01
C LYS A 21 0.14 22.56 -24.24
N LEU A 22 1.02 22.47 -23.24
CA LEU A 22 2.35 23.06 -23.35
C LEU A 22 3.08 22.49 -24.58
N LEU A 23 2.99 21.15 -24.77
CA LEU A 23 3.71 20.48 -25.86
C LEU A 23 3.16 20.94 -27.20
N HIS A 24 1.82 21.01 -27.31
CA HIS A 24 1.12 21.43 -28.53
C HIS A 24 1.47 22.88 -28.88
N ASP A 25 1.48 23.77 -27.88
CA ASP A 25 1.80 25.21 -28.05
C ASP A 25 3.27 25.41 -28.49
N SER A 26 4.13 24.43 -28.20
CA SER A 26 5.54 24.48 -28.60
C SER A 26 5.76 23.79 -29.96
N GLY A 27 4.70 23.36 -30.64
CA GLY A 27 4.78 22.88 -32.04
C GLY A 27 4.84 21.37 -32.21
N LEU A 28 4.85 20.59 -31.11
CA LEU A 28 4.91 19.12 -31.22
C LEU A 28 3.53 18.55 -31.51
N ASN A 29 3.52 17.33 -32.07
CA ASN A 29 2.33 16.53 -32.31
C ASN A 29 2.16 15.59 -31.11
N VAL A 30 1.06 15.76 -30.39
CA VAL A 30 0.77 15.03 -29.17
C VAL A 30 -0.56 14.32 -29.32
N VAL A 31 -0.68 13.21 -28.58
CA VAL A 31 -1.92 12.50 -28.42
C VAL A 31 -2.15 12.30 -26.92
N VAL A 32 -3.41 12.45 -26.49
CA VAL A 32 -3.82 12.13 -25.12
C VAL A 32 -4.72 10.89 -25.16
N LEU A 33 -4.31 9.87 -24.42
CA LEU A 33 -5.08 8.65 -24.33
C LEU A 33 -5.74 8.64 -22.95
N GLU A 34 -7.07 8.65 -22.95
CA GLU A 34 -7.86 8.76 -21.74
C GLU A 34 -8.78 7.54 -21.63
N ALA A 35 -8.75 6.90 -20.45
CA ALA A 35 -9.47 5.68 -20.14
C ALA A 35 -11.00 5.87 -20.19
N ARG A 36 -11.49 6.98 -19.63
CA ARG A 36 -12.91 7.25 -19.46
C ARG A 36 -13.50 7.86 -20.74
N ASP A 37 -14.84 8.02 -20.75
CA ASP A 37 -15.58 8.66 -21.82
C ASP A 37 -15.62 10.19 -21.63
N ARG A 38 -14.75 10.72 -20.76
CA ARG A 38 -14.63 12.14 -20.46
C ARG A 38 -13.20 12.44 -20.03
N VAL A 39 -12.82 13.72 -20.12
CA VAL A 39 -11.59 14.25 -19.54
C VAL A 39 -11.92 14.78 -18.13
N GLY A 40 -10.90 15.09 -17.33
CA GLY A 40 -11.08 15.76 -16.04
C GLY A 40 -10.61 14.92 -14.86
N GLY A 41 -10.73 13.60 -14.99
CA GLY A 41 -10.25 12.64 -13.98
C GLY A 41 -10.92 12.85 -12.63
N ARG A 42 -10.15 13.32 -11.65
CA ARG A 42 -10.62 13.55 -10.28
C ARG A 42 -11.29 14.92 -10.15
N THR A 43 -11.39 15.67 -11.25
CA THR A 43 -12.33 16.78 -11.35
C THR A 43 -13.48 16.34 -12.26
N TYR A 44 -14.70 16.73 -11.90
CA TYR A 44 -15.89 16.34 -12.62
C TYR A 44 -17.03 17.26 -12.22
N THR A 45 -17.53 18.01 -13.20
CA THR A 45 -18.66 18.89 -13.04
C THR A 45 -19.89 18.26 -13.69
N LEU A 46 -20.91 18.03 -12.88
CA LEU A 46 -22.24 17.57 -13.28
C LEU A 46 -23.11 18.79 -13.61
N ARG A 47 -23.82 18.69 -14.75
CA ARG A 47 -24.81 19.66 -15.18
C ARG A 47 -26.17 18.97 -15.32
N ASN A 48 -27.18 19.49 -14.60
CA ASN A 48 -28.60 19.19 -14.79
C ASN A 48 -29.36 20.45 -14.38
N GLN A 49 -30.68 20.45 -14.54
CA GLN A 49 -31.50 21.67 -14.33
C GLN A 49 -31.69 21.94 -12.83
N LYS A 50 -31.62 20.90 -11.99
CA LYS A 50 -31.78 21.06 -10.53
C LYS A 50 -30.60 21.79 -9.88
N VAL A 51 -29.37 21.63 -10.41
CA VAL A 51 -28.15 22.16 -9.74
C VAL A 51 -27.45 23.24 -10.59
N LYS A 52 -27.88 23.39 -11.85
CA LYS A 52 -27.17 24.08 -12.93
C LYS A 52 -25.80 23.44 -13.19
N TYR A 53 -24.86 23.58 -12.25
CA TYR A 53 -23.58 22.88 -12.30
C TYR A 53 -23.12 22.57 -10.87
N VAL A 54 -22.39 21.46 -10.69
CA VAL A 54 -21.78 21.14 -9.40
C VAL A 54 -20.53 20.29 -9.61
N ASP A 55 -19.45 20.68 -8.92
CA ASP A 55 -18.20 19.92 -8.85
C ASP A 55 -18.33 18.77 -7.85
N LEU A 56 -18.20 17.52 -8.33
CA LEU A 56 -18.25 16.33 -7.47
C LEU A 56 -16.85 15.86 -7.10
N GLY A 57 -15.81 16.46 -7.69
CA GLY A 57 -14.42 16.19 -7.33
C GLY A 57 -13.70 17.46 -6.91
N GLY A 58 -12.46 17.63 -7.36
CA GLY A 58 -11.68 18.84 -7.06
C GLY A 58 -12.43 20.10 -7.48
N SER A 59 -12.37 21.14 -6.64
CA SER A 59 -13.23 22.30 -6.74
C SER A 59 -12.52 23.59 -6.31
N TYR A 60 -11.90 23.58 -5.11
CA TYR A 60 -11.42 24.79 -4.46
C TYR A 60 -10.02 25.14 -4.97
N VAL A 61 -9.83 26.44 -5.18
CA VAL A 61 -8.54 27.01 -5.50
C VAL A 61 -8.34 28.20 -4.57
N GLY A 62 -7.08 28.62 -4.41
CA GLY A 62 -6.79 29.71 -3.50
C GLY A 62 -5.47 30.42 -3.80
N PRO A 63 -5.14 31.44 -2.98
CA PRO A 63 -3.86 32.15 -3.07
C PRO A 63 -2.65 31.21 -2.91
N THR A 64 -1.60 31.55 -3.66
CA THR A 64 -0.36 30.81 -3.86
C THR A 64 -0.52 29.69 -4.91
N GLN A 65 -1.76 29.34 -5.32
CA GLN A 65 -1.96 28.34 -6.36
C GLN A 65 -1.97 29.03 -7.74
N ASN A 66 -0.84 29.62 -8.13
CA ASN A 66 -0.79 30.59 -9.23
C ASN A 66 -0.84 29.91 -10.61
N ARG A 67 -0.44 28.63 -10.70
CA ARG A 67 -0.39 27.91 -11.98
C ARG A 67 -1.81 27.58 -12.47
N ILE A 68 -2.64 26.99 -11.60
CA ILE A 68 -4.03 26.64 -11.99
C ILE A 68 -4.78 27.92 -12.31
N LEU A 69 -4.61 28.98 -11.50
CA LEU A 69 -5.29 30.27 -11.74
C LEU A 69 -4.92 30.83 -13.11
N ARG A 70 -3.64 30.77 -13.48
CA ARG A 70 -3.14 31.30 -14.77
C ARG A 70 -3.71 30.47 -15.93
N LEU A 71 -3.74 29.15 -15.77
CA LEU A 71 -4.23 28.26 -16.83
C LEU A 71 -5.71 28.51 -17.07
N ALA A 72 -6.48 28.57 -15.96
CA ALA A 72 -7.92 28.77 -16.01
C ALA A 72 -8.25 30.14 -16.62
N LYS A 73 -7.50 31.17 -16.24
CA LYS A 73 -7.68 32.51 -16.78
C LYS A 73 -7.41 32.53 -18.30
N GLU A 74 -6.34 31.84 -18.73
CA GLU A 74 -5.98 31.79 -20.14
C GLU A 74 -7.05 31.06 -20.96
N LEU A 75 -7.77 30.12 -20.34
CA LEU A 75 -8.84 29.38 -20.99
C LEU A 75 -10.16 30.13 -20.88
N GLY A 76 -10.16 31.33 -20.27
CA GLY A 76 -11.33 32.22 -20.23
C GLY A 76 -12.27 31.98 -19.05
N LEU A 77 -11.78 31.29 -18.01
CA LEU A 77 -12.57 31.00 -16.80
C LEU A 77 -12.40 32.11 -15.74
N GLU A 78 -13.44 32.23 -14.90
CA GLU A 78 -13.51 33.15 -13.78
C GLU A 78 -13.66 32.35 -12.48
N THR A 79 -13.23 32.94 -11.36
CA THR A 79 -13.44 32.39 -10.02
C THR A 79 -14.40 33.29 -9.24
N TYR A 80 -14.94 32.73 -8.15
CA TYR A 80 -15.73 33.47 -7.17
C TYR A 80 -15.36 33.00 -5.76
N LYS A 81 -15.60 33.87 -4.77
CA LYS A 81 -15.22 33.61 -3.39
C LYS A 81 -16.29 32.71 -2.73
N VAL A 82 -15.81 31.65 -2.05
CA VAL A 82 -16.62 30.83 -1.16
C VAL A 82 -17.13 31.71 0.00
N ASN A 83 -18.38 31.50 0.43
CA ASN A 83 -19.00 32.29 1.50
C ASN A 83 -18.33 31.97 2.85
N GLU A 84 -17.69 33.00 3.42
CA GLU A 84 -17.18 32.99 4.81
C GLU A 84 -17.52 34.32 5.49
N VAL A 85 -18.60 34.98 5.05
CA VAL A 85 -19.02 36.25 5.65
C VAL A 85 -19.39 36.02 7.13
N GLU A 86 -20.20 35.00 7.42
CA GLU A 86 -20.76 34.80 8.77
C GLU A 86 -19.85 33.82 9.55
N ARG A 87 -20.35 33.32 10.68
CA ARG A 87 -19.54 32.55 11.63
C ARG A 87 -19.37 31.10 11.17
N LEU A 88 -18.20 30.53 11.50
CA LEU A 88 -17.90 29.12 11.38
C LEU A 88 -18.46 28.41 12.62
N ILE A 89 -18.60 27.08 12.54
CA ILE A 89 -19.05 26.26 13.66
C ILE A 89 -18.02 25.17 13.91
N HIS A 90 -17.61 25.01 15.18
CA HIS A 90 -16.90 23.83 15.65
C HIS A 90 -17.87 23.02 16.50
N HIS A 91 -18.28 21.85 16.01
CA HIS A 91 -19.19 20.97 16.71
C HIS A 91 -18.38 19.87 17.40
N VAL A 92 -18.42 19.86 18.72
CA VAL A 92 -17.65 18.93 19.53
C VAL A 92 -18.48 18.46 20.74
N LYS A 93 -18.49 17.13 20.95
CA LYS A 93 -19.22 16.45 22.06
C LYS A 93 -20.70 16.87 22.11
N GLY A 94 -21.34 16.91 20.93
CA GLY A 94 -22.77 17.12 20.81
C GLY A 94 -23.22 18.57 20.87
N LYS A 95 -22.28 19.53 20.83
CA LYS A 95 -22.61 20.97 20.96
C LYS A 95 -21.86 21.80 19.91
N SER A 96 -22.46 22.94 19.55
CA SER A 96 -21.94 23.80 18.50
C SER A 96 -21.36 25.09 19.10
N TYR A 97 -20.12 25.41 18.72
CA TYR A 97 -19.40 26.59 19.20
C TYR A 97 -19.03 27.47 18.01
N PRO A 98 -19.81 28.52 17.72
CA PRO A 98 -19.47 29.46 16.64
C PRO A 98 -18.12 30.14 16.90
N PHE A 99 -17.41 30.44 15.82
CA PHE A 99 -16.16 31.17 15.94
C PHE A 99 -15.88 31.92 14.62
N ARG A 100 -14.83 32.75 14.67
CA ARG A 100 -14.27 33.46 13.51
C ARG A 100 -12.78 33.16 13.41
N GLY A 101 -12.22 33.37 12.22
CA GLY A 101 -10.82 33.11 11.97
C GLY A 101 -10.62 31.64 11.63
N PRO A 102 -9.44 31.26 11.12
CA PRO A 102 -9.26 29.91 10.59
C PRO A 102 -9.26 28.76 11.61
N PHE A 103 -8.66 28.97 12.78
CA PHE A 103 -8.44 27.90 13.78
C PHE A 103 -9.57 27.89 14.80
N PRO A 104 -10.25 26.72 15.02
CA PRO A 104 -11.21 26.59 16.12
C PRO A 104 -10.58 26.99 17.45
N PRO A 105 -11.13 28.00 18.15
CA PRO A 105 -10.51 28.49 19.38
C PRO A 105 -10.84 27.59 20.59
N VAL A 106 -10.14 27.83 21.69
CA VAL A 106 -10.34 27.13 22.94
C VAL A 106 -10.14 28.14 24.08
N TRP A 107 -10.81 27.92 25.21
CA TRP A 107 -10.82 28.88 26.33
C TRP A 107 -9.94 28.40 27.50
N ASN A 108 -10.00 27.11 27.81
CA ASN A 108 -9.25 26.52 28.89
C ASN A 108 -7.75 26.76 28.65
N PRO A 109 -7.03 27.49 29.54
CA PRO A 109 -5.62 27.83 29.33
C PRO A 109 -4.66 26.67 29.01
N ILE A 110 -4.83 25.51 29.66
CA ILE A 110 -3.96 24.35 29.42
C ILE A 110 -4.18 23.88 27.99
N THR A 111 -5.45 23.74 27.62
CA THR A 111 -5.87 23.31 26.30
C THR A 111 -5.39 24.34 25.25
N TYR A 112 -5.37 25.62 25.63
CA TYR A 112 -4.94 26.67 24.74
C TYR A 112 -3.46 26.47 24.37
N LEU A 113 -2.62 26.21 25.38
CA LEU A 113 -1.17 26.00 25.16
C LEU A 113 -0.95 24.77 24.28
N ASP A 114 -1.80 23.76 24.45
CA ASP A 114 -1.64 22.51 23.76
C ASP A 114 -2.03 22.67 22.29
N HIS A 115 -3.13 23.38 22.04
CA HIS A 115 -3.61 23.67 20.70
C HIS A 115 -2.55 24.50 19.96
N ASN A 116 -2.16 25.63 20.55
CA ASN A 116 -1.18 26.52 19.95
C ASN A 116 0.12 25.74 19.61
N ASN A 117 0.53 24.85 20.51
CA ASN A 117 1.77 24.12 20.36
C ASN A 117 1.64 23.05 19.27
N PHE A 118 0.47 22.44 19.16
CA PHE A 118 0.24 21.45 18.12
C PHE A 118 0.49 22.06 16.74
N TRP A 119 -0.19 23.17 16.45
CA TRP A 119 -0.16 23.79 15.13
C TRP A 119 1.26 24.33 14.81
N ARG A 120 1.87 24.95 15.82
CA ARG A 120 3.20 25.51 15.74
C ARG A 120 4.23 24.40 15.47
N THR A 121 4.05 23.23 16.10
CA THR A 121 5.04 22.15 15.94
C THR A 121 4.93 21.52 14.55
N MET A 122 3.70 21.38 14.04
CA MET A 122 3.46 20.96 12.65
C MET A 122 4.32 21.81 11.70
N ASP A 123 4.25 23.14 11.86
CA ASP A 123 4.96 24.06 10.99
C ASP A 123 6.46 23.99 11.30
N ASP A 124 6.83 23.83 12.58
CA ASP A 124 8.26 23.75 13.01
C ASP A 124 8.95 22.55 12.33
N MET A 125 8.30 21.39 12.40
CA MET A 125 8.88 20.18 11.83
C MET A 125 8.87 20.31 10.29
N GLY A 126 7.86 20.97 9.74
CA GLY A 126 7.74 21.21 8.30
C GLY A 126 8.94 21.94 7.73
N ARG A 127 9.46 22.92 8.47
CA ARG A 127 10.58 23.75 7.99
C ARG A 127 11.88 22.94 7.90
N GLU A 128 11.93 21.76 8.52
CA GLU A 128 13.08 20.87 8.42
C GLU A 128 13.06 20.03 7.13
N ILE A 129 11.95 20.06 6.38
CA ILE A 129 11.67 19.09 5.32
C ILE A 129 11.72 19.80 3.96
N PRO A 130 12.72 19.49 3.09
CA PRO A 130 12.73 20.04 1.73
C PRO A 130 11.51 19.61 0.91
N SER A 131 10.89 20.58 0.23
CA SER A 131 9.67 20.39 -0.58
C SER A 131 9.93 19.38 -1.70
N ASP A 132 11.14 19.41 -2.26
CA ASP A 132 11.48 18.64 -3.44
C ASP A 132 12.17 17.33 -3.06
N ALA A 133 12.46 17.12 -1.77
CA ALA A 133 13.19 15.93 -1.35
C ALA A 133 12.92 15.68 0.13
N PRO A 134 11.68 15.31 0.50
CA PRO A 134 11.33 15.13 1.92
C PRO A 134 12.22 14.11 2.65
N TRP A 135 12.79 13.16 1.91
CA TRP A 135 13.60 12.09 2.47
C TRP A 135 14.99 12.63 2.88
N LYS A 136 15.25 13.94 2.65
CA LYS A 136 16.53 14.58 3.04
C LYS A 136 16.41 15.35 4.35
N ALA A 137 15.21 15.44 4.93
CA ALA A 137 15.07 15.98 6.29
C ALA A 137 16.06 15.28 7.24
N PRO A 138 16.75 16.03 8.14
CA PRO A 138 17.68 15.41 9.08
C PRO A 138 17.14 14.16 9.80
N LEU A 139 15.88 14.20 10.25
CA LEU A 139 15.26 13.08 10.99
C LEU A 139 14.24 12.35 10.12
N ALA A 140 14.47 12.30 8.80
CA ALA A 140 13.53 11.74 7.88
C ALA A 140 13.15 10.31 8.32
N GLU A 141 14.16 9.54 8.71
CA GLU A 141 14.00 8.15 9.07
C GLU A 141 13.15 8.03 10.33
N GLU A 142 13.49 8.77 11.38
CA GLU A 142 12.74 8.74 12.64
C GLU A 142 11.26 9.06 12.38
N TRP A 143 10.99 10.08 11.54
CA TRP A 143 9.64 10.56 11.32
C TRP A 143 8.84 9.63 10.39
N ASP A 144 9.51 9.03 9.41
CA ASP A 144 8.83 8.15 8.47
C ASP A 144 8.53 6.79 9.12
N ASN A 145 9.19 6.44 10.23
CA ASN A 145 8.98 5.12 10.86
C ASN A 145 7.81 5.18 11.86
N MET A 146 7.02 6.25 11.72
CA MET A 146 6.07 6.72 12.68
C MET A 146 4.78 7.07 11.91
N THR A 147 3.63 6.61 12.42
CA THR A 147 2.35 7.06 11.90
C THR A 147 2.02 8.43 12.52
N MET A 148 1.09 9.15 11.92
CA MET A 148 0.63 10.40 12.47
C MET A 148 -0.02 10.16 13.83
N LYS A 149 -0.59 8.97 14.06
CA LYS A 149 -1.26 8.65 15.32
C LYS A 149 -0.24 8.61 16.46
N GLU A 150 0.90 7.93 16.23
CA GLU A 150 2.00 7.90 17.19
C GLU A 150 2.49 9.32 17.46
N LEU A 151 2.64 10.14 16.41
CA LEU A 151 3.14 11.50 16.60
C LEU A 151 2.19 12.33 17.49
N LEU A 152 0.88 12.26 17.23
CA LEU A 152 -0.12 13.03 17.99
C LEU A 152 -0.20 12.56 19.44
N ASP A 153 -0.02 11.25 19.68
CA ASP A 153 0.02 10.69 21.06
C ASP A 153 1.20 11.29 21.85
N LYS A 154 2.34 11.55 21.18
CA LYS A 154 3.50 12.13 21.85
C LYS A 154 3.34 13.65 22.05
N LEU A 155 2.66 14.32 21.10
CA LEU A 155 2.67 15.76 20.97
C LEU A 155 1.50 16.41 21.75
N CYS A 156 0.32 15.78 21.74
CA CYS A 156 -0.89 16.36 22.32
C CYS A 156 -1.08 15.88 23.76
N TRP A 157 -1.02 16.83 24.70
CA TRP A 157 -1.12 16.59 26.13
C TRP A 157 -2.58 16.71 26.60
N THR A 158 -3.48 17.12 25.69
CA THR A 158 -4.93 17.16 25.94
C THR A 158 -5.65 16.38 24.84
N GLU A 159 -6.81 15.85 25.20
CA GLU A 159 -7.65 15.11 24.26
C GLU A 159 -8.32 16.07 23.29
N SER A 160 -8.62 17.27 23.75
CA SER A 160 -9.18 18.31 22.92
C SER A 160 -8.29 18.52 21.68
N ALA A 161 -6.98 18.66 21.91
CA ALA A 161 -6.07 18.93 20.83
C ALA A 161 -5.90 17.68 19.95
N LYS A 162 -5.85 16.51 20.59
CA LYS A 162 -5.63 15.28 19.88
C LYS A 162 -6.83 15.01 18.95
N GLN A 163 -8.02 15.30 19.43
CA GLN A 163 -9.24 15.06 18.68
C GLN A 163 -9.30 16.03 17.49
N LEU A 164 -8.89 17.29 17.67
CA LEU A 164 -8.91 18.24 16.56
C LEU A 164 -7.80 17.91 15.55
N ALA A 165 -6.63 17.51 16.05
CA ALA A 165 -5.50 17.15 15.20
C ALA A 165 -5.84 15.91 14.36
N THR A 166 -6.62 14.99 14.94
CA THR A 166 -7.04 13.76 14.24
C THR A 166 -7.97 14.14 13.07
N LEU A 167 -8.89 15.07 13.34
CA LEU A 167 -9.79 15.56 12.32
C LEU A 167 -9.03 16.27 11.20
N PHE A 168 -7.98 17.02 11.56
CA PHE A 168 -7.15 17.75 10.58
C PHE A 168 -6.52 16.77 9.57
N VAL A 169 -5.94 15.70 10.08
CA VAL A 169 -5.37 14.63 9.22
C VAL A 169 -6.49 14.02 8.35
N ASN A 170 -7.56 13.53 8.98
CA ASN A 170 -8.67 12.87 8.28
C ASN A 170 -9.15 13.74 7.11
N LEU A 171 -9.32 15.02 7.40
CA LEU A 171 -9.95 15.94 6.50
C LEU A 171 -9.00 16.37 5.37
N CYS A 172 -7.70 16.51 5.64
CA CYS A 172 -6.74 16.94 4.62
C CYS A 172 -6.29 15.78 3.70
N VAL A 173 -6.23 14.54 4.19
CA VAL A 173 -5.64 13.41 3.41
C VAL A 173 -6.58 12.18 3.35
N THR A 174 -7.84 12.33 3.78
CA THR A 174 -8.89 11.30 3.63
C THR A 174 -8.36 9.93 4.06
N ALA A 175 -7.69 9.89 5.21
CA ALA A 175 -7.14 8.68 5.76
C ALA A 175 -7.07 8.82 7.28
N GLU A 176 -7.01 7.67 7.97
CA GLU A 176 -6.89 7.63 9.42
C GLU A 176 -5.46 8.01 9.81
N THR A 177 -5.29 8.50 11.04
CA THR A 177 -4.00 8.88 11.57
C THR A 177 -3.05 7.68 11.61
N HIS A 178 -3.58 6.50 11.92
CA HIS A 178 -2.77 5.26 12.04
C HIS A 178 -2.33 4.71 10.68
N GLU A 179 -2.94 5.18 9.57
CA GLU A 179 -2.63 4.71 8.20
C GLU A 179 -1.43 5.45 7.58
N VAL A 180 -1.13 6.67 8.02
CA VAL A 180 -0.23 7.54 7.24
C VAL A 180 1.09 7.81 7.99
N SER A 181 2.17 7.90 7.22
CA SER A 181 3.49 8.31 7.68
C SER A 181 3.47 9.74 8.24
N ALA A 182 4.19 9.92 9.35
CA ALA A 182 4.31 11.24 9.97
C ALA A 182 5.11 12.16 9.03
N LEU A 183 6.24 11.67 8.52
CA LEU A 183 7.10 12.44 7.59
C LEU A 183 6.29 12.90 6.38
N TRP A 184 5.53 11.97 5.79
CA TRP A 184 4.77 12.30 4.60
C TRP A 184 3.72 13.38 4.90
N PHE A 185 2.98 13.24 6.00
CA PHE A 185 1.90 14.17 6.30
C PHE A 185 2.48 15.58 6.52
N LEU A 186 3.57 15.66 7.29
CA LEU A 186 4.26 16.91 7.61
C LEU A 186 4.79 17.54 6.33
N TRP A 187 5.26 16.71 5.40
CA TRP A 187 5.70 17.18 4.10
C TRP A 187 4.52 17.79 3.36
N TYR A 188 3.42 17.03 3.32
CA TYR A 188 2.24 17.39 2.59
C TYR A 188 1.75 18.79 3.00
N VAL A 189 1.68 19.04 4.30
CA VAL A 189 1.17 20.28 4.83
C VAL A 189 2.14 21.41 4.45
N LYS A 190 3.43 21.15 4.65
CA LYS A 190 4.49 22.15 4.42
C LYS A 190 4.49 22.61 2.95
N GLN A 191 4.41 21.66 2.00
CA GLN A 191 4.49 21.96 0.58
C GLN A 191 3.22 22.66 0.06
N CYS A 192 2.15 22.74 0.86
CA CYS A 192 1.00 23.60 0.58
C CYS A 192 1.19 25.00 1.18
N GLY A 193 2.30 25.25 1.91
CA GLY A 193 2.54 26.56 2.55
C GLY A 193 2.20 26.61 4.05
N GLY A 194 1.92 25.45 4.66
CA GLY A 194 1.75 25.34 6.13
C GLY A 194 0.29 25.20 6.58
N THR A 195 0.10 25.11 7.90
CA THR A 195 -1.17 24.73 8.50
C THR A 195 -2.23 25.79 8.19
N THR A 196 -1.87 27.06 8.34
CA THR A 196 -2.83 28.15 8.15
C THR A 196 -3.33 28.19 6.71
N ARG A 197 -2.40 28.13 5.76
CA ARG A 197 -2.73 28.19 4.36
C ARG A 197 -3.62 27.00 3.99
N ILE A 198 -3.32 25.80 4.50
CA ILE A 198 -4.04 24.61 4.05
C ILE A 198 -5.49 24.63 4.59
N ILE A 199 -5.69 24.98 5.87
CA ILE A 199 -7.02 24.90 6.49
C ILE A 199 -7.91 26.11 6.19
N SER A 200 -7.37 27.22 5.66
CA SER A 200 -8.13 28.48 5.59
C SER A 200 -9.01 28.54 4.33
N THR A 201 -10.14 29.23 4.48
CA THR A 201 -10.99 29.62 3.36
C THR A 201 -10.48 30.99 2.86
N THR A 202 -10.87 32.08 3.53
CA THR A 202 -10.22 33.39 3.31
C THR A 202 -8.70 33.23 3.51
N ASN A 203 -7.93 33.64 2.50
CA ASN A 203 -6.45 33.65 2.48
C ASN A 203 -5.86 32.24 2.39
N GLY A 204 -6.65 31.24 1.96
CA GLY A 204 -6.20 29.85 1.96
C GLY A 204 -6.73 29.03 0.82
N GLY A 205 -6.49 27.71 0.91
CA GLY A 205 -6.83 26.71 -0.10
C GLY A 205 -8.27 26.73 -0.59
N GLN A 206 -9.22 27.09 0.28
CA GLN A 206 -10.65 26.97 -0.01
C GLN A 206 -11.30 28.31 -0.34
N GLU A 207 -10.50 29.33 -0.68
CA GLU A 207 -10.99 30.70 -0.85
C GLU A 207 -12.00 30.75 -2.01
N ARG A 208 -11.75 30.03 -3.10
CA ARG A 208 -12.45 30.24 -4.35
C ARG A 208 -12.82 28.93 -5.05
N LYS A 209 -13.75 29.06 -6.00
CA LYS A 209 -14.17 28.05 -6.93
C LYS A 209 -14.28 28.68 -8.32
N PHE A 210 -14.30 27.83 -9.36
CA PHE A 210 -14.48 28.31 -10.72
C PHE A 210 -15.98 28.47 -11.02
N VAL A 211 -16.32 29.60 -11.66
CA VAL A 211 -17.64 29.83 -12.22
C VAL A 211 -17.85 28.81 -13.35
N GLY A 212 -18.89 27.98 -13.20
CA GLY A 212 -19.24 26.94 -14.18
C GLY A 212 -18.61 25.59 -13.87
N GLY A 213 -17.74 25.53 -12.84
CA GLY A 213 -17.10 24.27 -12.42
C GLY A 213 -15.68 24.11 -12.95
N SER A 214 -14.89 23.32 -12.20
CA SER A 214 -13.47 23.05 -12.45
C SER A 214 -13.27 22.06 -13.62
N GLY A 215 -14.33 21.34 -14.00
CA GLY A 215 -14.32 20.47 -15.16
C GLY A 215 -14.09 21.20 -16.48
N GLN A 216 -14.38 22.50 -16.52
CA GLN A 216 -14.16 23.32 -17.73
C GLN A 216 -12.67 23.40 -18.08
N VAL A 217 -11.78 23.23 -17.10
CA VAL A 217 -10.34 23.37 -17.37
C VAL A 217 -9.94 22.30 -18.38
N SER A 218 -10.28 21.04 -18.09
CA SER A 218 -9.90 19.91 -18.90
C SER A 218 -10.66 19.91 -20.24
N GLU A 219 -11.96 20.28 -20.20
CA GLU A 219 -12.83 20.33 -21.38
C GLU A 219 -12.29 21.37 -22.38
N ARG A 220 -11.94 22.56 -21.91
CA ARG A 220 -11.53 23.65 -22.80
C ARG A 220 -10.15 23.34 -23.41
N ILE A 221 -9.30 22.62 -22.69
CA ILE A 221 -8.04 22.19 -23.30
C ILE A 221 -8.34 21.12 -24.37
N MET A 222 -9.27 20.21 -24.06
CA MET A 222 -9.72 19.23 -25.04
C MET A 222 -10.22 19.94 -26.32
N ASP A 223 -10.94 21.06 -26.16
CA ASP A 223 -11.47 21.85 -27.30
C ASP A 223 -10.32 22.45 -28.14
N LEU A 224 -9.24 22.89 -27.48
CA LEU A 224 -8.04 23.45 -28.15
C LEU A 224 -7.29 22.37 -28.93
N LEU A 225 -7.34 21.13 -28.44
CA LEU A 225 -6.56 20.01 -28.99
C LEU A 225 -7.34 19.30 -30.11
N GLY A 226 -8.65 19.50 -30.16
CA GLY A 226 -9.51 18.84 -31.16
C GLY A 226 -9.44 17.33 -31.00
N ASP A 227 -9.19 16.65 -32.12
CA ASP A 227 -9.27 15.19 -32.22
C ASP A 227 -8.02 14.50 -31.63
N ARG A 228 -7.09 15.26 -31.06
CA ARG A 228 -5.87 14.69 -30.51
C ARG A 228 -6.14 13.98 -29.16
N VAL A 229 -7.30 14.24 -28.54
CA VAL A 229 -7.71 13.53 -27.31
C VAL A 229 -8.55 12.29 -27.68
N LYS A 230 -8.11 11.12 -27.21
CA LYS A 230 -8.76 9.83 -27.47
C LYS A 230 -9.42 9.32 -26.18
N LEU A 231 -10.76 9.40 -26.15
CA LEU A 231 -11.59 8.94 -25.06
C LEU A 231 -11.85 7.44 -25.22
N GLU A 232 -12.02 6.75 -24.09
CA GLU A 232 -12.26 5.30 -24.01
C GLU A 232 -11.06 4.56 -24.66
N ARG A 233 -9.85 5.04 -24.37
CA ARG A 233 -8.58 4.36 -24.68
C ARG A 233 -7.81 4.09 -23.38
N PRO A 234 -8.22 3.10 -22.56
CA PRO A 234 -7.41 2.68 -21.42
C PRO A 234 -6.09 2.05 -21.92
N VAL A 235 -4.95 2.58 -21.47
CA VAL A 235 -3.65 2.06 -21.83
C VAL A 235 -3.40 0.78 -21.02
N ILE A 236 -2.96 -0.28 -21.73
CA ILE A 236 -2.69 -1.61 -21.13
C ILE A 236 -1.22 -2.01 -21.23
N TYR A 237 -0.44 -1.35 -22.10
CA TYR A 237 0.88 -1.88 -22.47
C TYR A 237 1.76 -0.77 -23.04
N ILE A 238 2.98 -0.70 -22.51
CA ILE A 238 3.98 0.21 -22.99
C ILE A 238 5.26 -0.59 -23.27
N ASP A 239 5.73 -0.49 -24.52
CA ASP A 239 6.91 -1.21 -25.01
C ASP A 239 8.00 -0.19 -25.40
N GLN A 240 9.17 -0.28 -24.74
CA GLN A 240 10.29 0.62 -25.01
C GLN A 240 11.53 -0.14 -25.54
N THR A 241 11.33 -1.35 -26.08
CA THR A 241 12.45 -2.20 -26.56
C THR A 241 13.01 -1.69 -27.90
N ARG A 242 12.16 -1.03 -28.71
CA ARG A 242 12.52 -0.56 -30.07
C ARG A 242 12.83 0.95 -30.03
N GLU A 243 13.11 1.50 -31.22
CA GLU A 243 13.59 2.88 -31.42
C GLU A 243 12.51 3.89 -30.99
N ASN A 244 11.26 3.61 -31.41
CA ASN A 244 10.10 4.36 -30.99
C ASN A 244 9.34 3.56 -29.92
N VAL A 245 8.73 4.29 -28.97
CA VAL A 245 7.93 3.73 -27.89
C VAL A 245 6.55 3.33 -28.45
N LEU A 246 6.11 2.10 -28.12
CA LEU A 246 4.81 1.61 -28.54
C LEU A 246 3.89 1.57 -27.32
N VAL A 247 2.71 2.20 -27.48
CA VAL A 247 1.70 2.30 -26.46
C VAL A 247 0.41 1.66 -27.00
N GLU A 248 -0.08 0.64 -26.29
CA GLU A 248 -1.26 -0.10 -26.70
C GLU A 248 -2.43 0.16 -25.73
N THR A 249 -3.63 0.26 -26.29
CA THR A 249 -4.85 0.49 -25.54
C THR A 249 -5.69 -0.78 -25.54
N LEU A 250 -6.68 -0.81 -24.63
CA LEU A 250 -7.56 -1.94 -24.39
C LEU A 250 -8.46 -2.24 -25.61
N ASN A 251 -8.80 -1.20 -26.39
CA ASN A 251 -9.63 -1.35 -27.59
C ASN A 251 -8.76 -1.66 -28.82
N HIS A 252 -7.58 -2.26 -28.61
CA HIS A 252 -6.67 -2.78 -29.66
C HIS A 252 -6.17 -1.68 -30.62
N GLU A 253 -5.88 -0.48 -30.11
CA GLU A 253 -5.20 0.52 -30.90
C GLU A 253 -3.74 0.61 -30.45
N MET A 254 -2.85 0.86 -31.41
CA MET A 254 -1.42 1.03 -31.17
C MET A 254 -1.04 2.49 -31.47
N TYR A 255 -0.24 3.10 -30.59
CA TYR A 255 0.30 4.44 -30.77
C TYR A 255 1.83 4.36 -30.64
N GLU A 256 2.51 5.10 -31.51
CA GLU A 256 3.95 5.11 -31.63
C GLU A 256 4.43 6.55 -31.37
N ALA A 257 5.39 6.70 -30.45
CA ALA A 257 5.85 8.03 -30.05
C ALA A 257 7.34 8.01 -29.71
N LYS A 258 7.93 9.21 -29.60
CA LYS A 258 9.31 9.39 -29.17
C LYS A 258 9.41 9.27 -27.64
N TYR A 259 8.43 9.84 -26.93
CA TYR A 259 8.35 9.83 -25.46
C TYR A 259 6.90 9.64 -25.01
N VAL A 260 6.75 9.20 -23.75
CA VAL A 260 5.44 9.08 -23.09
C VAL A 260 5.48 9.92 -21.81
N ILE A 261 4.38 10.63 -21.51
CA ILE A 261 4.15 11.16 -20.18
C ILE A 261 3.04 10.32 -19.53
N SER A 262 3.38 9.65 -18.42
CA SER A 262 2.40 9.01 -17.55
C SER A 262 1.82 10.03 -16.57
N ALA A 263 0.54 10.40 -16.76
CA ALA A 263 -0.13 11.43 -15.96
C ALA A 263 -1.33 10.82 -15.21
N ILE A 264 -1.08 9.65 -14.62
CA ILE A 264 -2.02 8.91 -13.82
C ILE A 264 -1.46 8.82 -12.40
N PRO A 265 -2.34 8.60 -11.39
CA PRO A 265 -1.88 8.32 -10.03
C PRO A 265 -0.87 7.19 -10.05
N PRO A 266 0.20 7.25 -9.23
CA PRO A 266 1.26 6.24 -9.29
C PRO A 266 0.76 4.79 -9.26
N THR A 267 -0.20 4.46 -8.38
CA THR A 267 -0.57 3.08 -8.23
C THR A 267 -1.29 2.60 -9.49
N LEU A 268 -1.96 3.48 -10.25
CA LEU A 268 -2.71 3.07 -11.46
C LEU A 268 -1.76 2.72 -12.63
N GLY A 269 -0.46 3.03 -12.43
CA GLY A 269 0.63 2.42 -13.19
C GLY A 269 0.60 0.89 -13.19
N MET A 270 -0.01 0.27 -12.18
CA MET A 270 -0.11 -1.19 -12.06
C MET A 270 -0.96 -1.74 -13.22
N LYS A 271 -1.85 -0.92 -13.78
CA LYS A 271 -2.75 -1.38 -14.82
C LYS A 271 -2.03 -1.54 -16.16
N ILE A 272 -0.79 -1.04 -16.24
CA ILE A 272 -0.01 -1.09 -17.46
C ILE A 272 1.03 -2.21 -17.30
N HIS A 273 1.12 -3.06 -18.33
CA HIS A 273 2.16 -4.05 -18.49
C HIS A 273 3.33 -3.40 -19.23
N PHE A 274 4.53 -3.55 -18.70
CA PHE A 274 5.68 -2.86 -19.23
C PHE A 274 6.65 -3.89 -19.82
N ASN A 275 7.21 -3.52 -20.98
CA ASN A 275 8.30 -4.21 -21.62
C ASN A 275 9.34 -3.16 -22.04
N PRO A 276 10.58 -3.27 -21.55
CA PRO A 276 10.98 -4.25 -20.54
C PRO A 276 10.30 -3.98 -19.20
N PRO A 277 10.42 -4.89 -18.20
CA PRO A 277 9.84 -4.66 -16.88
C PRO A 277 10.37 -3.36 -16.23
N LEU A 278 9.55 -2.70 -15.42
CA LEU A 278 9.99 -1.53 -14.64
C LEU A 278 11.18 -1.95 -13.78
N PRO A 279 12.11 -1.02 -13.48
CA PRO A 279 13.14 -1.29 -12.48
C PRO A 279 12.53 -1.60 -11.11
N MET A 280 13.28 -2.36 -10.32
CA MET A 280 12.90 -2.92 -9.03
C MET A 280 12.17 -1.90 -8.15
N MET A 281 12.75 -0.70 -8.00
CA MET A 281 12.25 0.26 -7.03
C MET A 281 10.86 0.78 -7.45
N ARG A 282 10.67 1.15 -8.73
CA ARG A 282 9.34 1.62 -9.16
C ARG A 282 8.34 0.46 -9.19
N ASN A 283 8.82 -0.74 -9.54
CA ASN A 283 8.00 -1.95 -9.56
C ASN A 283 7.30 -2.12 -8.20
N GLN A 284 8.06 -1.97 -7.11
CA GLN A 284 7.51 -2.14 -5.77
C GLN A 284 6.75 -0.89 -5.33
N MET A 285 7.26 0.31 -5.67
CA MET A 285 6.71 1.57 -5.21
C MET A 285 5.22 1.68 -5.55
N ILE A 286 4.82 1.25 -6.76
CA ILE A 286 3.45 1.44 -7.26
C ILE A 286 2.47 0.44 -6.61
N THR A 287 2.95 -0.45 -5.73
CA THR A 287 2.08 -1.36 -4.95
C THR A 287 1.92 -0.84 -3.51
N ARG A 288 2.52 0.31 -3.19
CA ARG A 288 2.70 0.76 -1.82
C ARG A 288 2.04 2.13 -1.58
N VAL A 289 1.35 2.68 -2.58
CA VAL A 289 0.93 4.09 -2.55
C VAL A 289 -0.55 4.18 -2.89
N PRO A 290 -1.44 3.85 -1.93
CA PRO A 290 -2.88 3.96 -2.14
C PRO A 290 -3.43 5.38 -2.08
N LEU A 291 -4.63 5.57 -2.64
CA LEU A 291 -5.37 6.85 -2.49
C LEU A 291 -6.38 6.71 -1.34
N GLY A 292 -6.81 7.85 -0.80
CA GLY A 292 -7.71 7.93 0.31
C GLY A 292 -9.13 7.63 -0.11
N SER A 293 -10.02 7.68 0.88
CA SER A 293 -11.41 7.28 0.72
C SER A 293 -12.30 8.47 1.10
N VAL A 294 -13.18 8.88 0.18
CA VAL A 294 -14.09 9.98 0.46
C VAL A 294 -15.34 9.87 -0.43
N ILE A 295 -16.48 10.28 0.14
CA ILE A 295 -17.72 10.60 -0.60
C ILE A 295 -17.96 12.12 -0.47
N LYS A 296 -18.14 12.79 -1.61
CA LYS A 296 -18.49 14.18 -1.61
C LYS A 296 -20.00 14.29 -1.81
N CYS A 297 -20.69 14.96 -0.87
CA CYS A 297 -22.17 15.05 -0.83
C CYS A 297 -22.63 16.51 -0.89
N ILE A 298 -23.60 16.81 -1.75
CA ILE A 298 -24.17 18.15 -1.83
C ILE A 298 -25.69 18.08 -1.63
N VAL A 299 -26.16 18.75 -0.57
CA VAL A 299 -27.57 18.82 -0.16
C VAL A 299 -28.08 20.22 -0.48
N TYR A 300 -29.13 20.28 -1.30
CA TYR A 300 -29.71 21.51 -1.82
C TYR A 300 -30.92 21.89 -0.95
N TYR A 301 -31.10 23.21 -0.78
CA TYR A 301 -32.19 23.80 -0.03
C TYR A 301 -32.79 24.96 -0.81
N LYS A 302 -34.01 25.32 -0.44
CA LYS A 302 -34.78 26.39 -1.03
C LYS A 302 -34.04 27.73 -0.87
N GLU A 303 -33.48 27.97 0.32
CA GLU A 303 -32.72 29.18 0.67
C GLU A 303 -31.50 28.82 1.51
N PRO A 304 -30.46 29.69 1.55
CA PRO A 304 -29.33 29.51 2.47
C PRO A 304 -29.64 29.97 3.91
N PHE A 305 -30.50 29.21 4.59
CA PHE A 305 -31.15 29.61 5.83
C PHE A 305 -30.12 29.84 6.96
N TRP A 306 -28.99 29.14 6.91
CA TRP A 306 -27.92 29.25 7.90
C TRP A 306 -27.39 30.69 8.04
N ARG A 307 -27.32 31.43 6.92
CA ARG A 307 -26.80 32.81 6.87
C ARG A 307 -27.62 33.73 7.79
N LYS A 308 -28.94 33.51 7.82
CA LYS A 308 -29.89 34.27 8.65
C LYS A 308 -29.69 34.01 10.15
N LYS A 309 -29.05 32.89 10.53
CA LYS A 309 -28.61 32.62 11.90
C LYS A 309 -27.16 33.09 12.13
N ASP A 310 -26.58 33.77 11.13
CA ASP A 310 -25.22 34.27 11.16
C ASP A 310 -24.24 33.09 11.22
N TYR A 311 -24.48 32.08 10.37
CA TYR A 311 -23.59 30.98 10.10
C TYR A 311 -23.22 31.02 8.62
N CYS A 312 -21.93 30.95 8.27
CA CYS A 312 -21.50 30.99 6.87
C CYS A 312 -21.78 29.65 6.18
N GLY A 313 -21.89 28.56 6.95
CA GLY A 313 -22.16 27.23 6.40
C GLY A 313 -20.99 26.26 6.61
N THR A 314 -19.86 26.79 7.09
CA THR A 314 -18.70 26.01 7.46
C THR A 314 -18.95 25.31 8.81
N MET A 315 -18.87 23.98 8.82
CA MET A 315 -18.98 23.22 10.03
C MET A 315 -17.78 22.28 10.12
N ILE A 316 -17.09 22.31 11.27
CA ILE A 316 -16.04 21.37 11.59
C ILE A 316 -16.58 20.44 12.68
N ILE A 317 -16.85 19.19 12.30
CA ILE A 317 -17.69 18.31 13.09
C ILE A 317 -16.86 17.13 13.60
N ASP A 318 -16.69 17.06 14.91
CA ASP A 318 -15.94 16.01 15.56
C ASP A 318 -16.92 15.00 16.17
N GLY A 319 -16.56 13.73 16.09
CA GLY A 319 -17.35 12.64 16.67
C GLY A 319 -17.44 11.47 15.72
N GLU A 320 -17.55 10.27 16.31
CA GLU A 320 -17.67 9.03 15.56
C GLU A 320 -19.05 8.94 14.90
N GLU A 321 -20.07 9.52 15.54
CA GLU A 321 -21.46 9.37 15.06
C GLU A 321 -21.72 10.28 13.85
N ALA A 322 -20.93 11.35 13.70
CA ALA A 322 -21.12 12.28 12.60
C ALA A 322 -20.69 11.61 11.30
N PRO A 323 -21.59 11.42 10.32
CA PRO A 323 -21.18 10.93 9.01
C PRO A 323 -20.18 11.86 8.30
N VAL A 324 -20.40 13.17 8.41
CA VAL A 324 -19.65 14.21 7.71
C VAL A 324 -18.83 14.96 8.74
N ALA A 325 -17.54 15.16 8.47
CA ALA A 325 -16.69 15.88 9.40
C ALA A 325 -16.46 17.34 8.97
N TYR A 326 -16.75 17.70 7.71
CA TYR A 326 -16.50 19.07 7.24
C TYR A 326 -17.50 19.48 6.17
N THR A 327 -17.98 20.73 6.25
CA THR A 327 -18.90 21.28 5.26
C THR A 327 -18.45 22.69 4.87
N LEU A 328 -18.89 23.11 3.68
CA LEU A 328 -18.81 24.49 3.23
C LEU A 328 -20.13 24.83 2.54
N ASP A 329 -20.51 26.11 2.61
CA ASP A 329 -21.56 26.68 1.78
C ASP A 329 -21.19 26.48 0.31
N ASP A 330 -22.10 25.88 -0.47
CA ASP A 330 -21.89 25.64 -1.91
C ASP A 330 -22.96 26.37 -2.73
N THR A 331 -23.61 27.37 -2.11
CA THR A 331 -24.55 28.26 -2.79
C THR A 331 -23.82 28.99 -3.93
N LYS A 332 -24.54 29.19 -5.04
CA LYS A 332 -23.96 29.85 -6.21
C LYS A 332 -23.63 31.29 -5.82
N PRO A 333 -22.75 31.99 -6.56
CA PRO A 333 -22.39 33.37 -6.22
C PRO A 333 -23.58 34.33 -6.40
N GLU A 334 -24.51 34.00 -7.30
CA GLU A 334 -25.72 34.79 -7.55
C GLU A 334 -26.70 34.68 -6.36
N GLY A 335 -26.46 33.71 -5.46
CA GLY A 335 -27.21 33.56 -4.21
C GLY A 335 -28.29 32.50 -4.31
N ASN A 336 -28.35 31.76 -5.43
CA ASN A 336 -29.37 30.75 -5.66
C ASN A 336 -28.73 29.35 -5.66
N TYR A 337 -29.56 28.32 -5.78
CA TYR A 337 -29.19 26.92 -5.63
C TYR A 337 -28.42 26.74 -4.33
N ALA A 338 -29.03 27.23 -3.24
CA ALA A 338 -28.52 27.08 -1.89
C ALA A 338 -28.19 25.61 -1.62
N ALA A 339 -27.01 25.39 -1.04
CA ALA A 339 -26.50 24.05 -0.89
C ALA A 339 -25.43 24.01 0.21
N ILE A 340 -25.34 22.86 0.86
CA ILE A 340 -24.25 22.52 1.80
C ILE A 340 -23.46 21.37 1.17
N MET A 341 -22.16 21.62 0.95
CA MET A 341 -21.19 20.63 0.54
C MET A 341 -20.58 20.00 1.79
N GLY A 342 -20.54 18.67 1.85
CA GLY A 342 -19.87 17.95 2.93
C GLY A 342 -19.04 16.77 2.44
N PHE A 343 -18.06 16.37 3.26
CA PHE A 343 -17.18 15.26 2.97
C PHE A 343 -17.37 14.13 3.99
N ILE A 344 -17.65 12.91 3.50
CA ILE A 344 -17.62 11.69 4.32
C ILE A 344 -16.25 11.02 4.13
N LEU A 345 -15.48 10.88 5.23
CA LEU A 345 -14.02 10.68 5.18
C LEU A 345 -13.59 9.29 5.68
N ALA A 346 -12.56 8.75 5.03
CA ALA A 346 -11.75 7.65 5.57
C ALA A 346 -12.66 6.46 5.88
N HIS A 347 -12.66 5.96 7.13
CA HIS A 347 -13.42 4.74 7.46
C HIS A 347 -14.92 4.98 7.35
N LYS A 348 -15.36 6.24 7.42
CA LYS A 348 -16.79 6.53 7.34
C LYS A 348 -17.31 6.42 5.90
N ALA A 349 -16.45 6.68 4.91
CA ALA A 349 -16.81 6.50 3.50
C ALA A 349 -17.14 5.03 3.24
N ARG A 350 -16.30 4.13 3.79
CA ARG A 350 -16.45 2.66 3.69
C ARG A 350 -17.74 2.22 4.41
N LYS A 351 -17.85 2.57 5.69
CA LYS A 351 -19.00 2.27 6.53
C LYS A 351 -20.31 2.67 5.82
N LEU A 352 -20.44 3.94 5.42
CA LEU A 352 -21.72 4.51 5.01
C LEU A 352 -22.00 4.25 3.52
N ALA A 353 -21.04 3.71 2.76
CA ALA A 353 -21.28 3.35 1.36
C ALA A 353 -22.29 2.20 1.25
N ARG A 354 -22.51 1.47 2.36
CA ARG A 354 -23.45 0.34 2.46
C ARG A 354 -24.90 0.82 2.33
N LEU A 355 -25.17 2.06 2.77
CA LEU A 355 -26.51 2.62 2.77
C LEU A 355 -26.94 3.01 1.34
N THR A 356 -28.24 3.19 1.16
CA THR A 356 -28.78 3.78 -0.08
C THR A 356 -28.50 5.29 -0.07
N LYS A 357 -28.70 5.90 -1.23
CA LYS A 357 -28.55 7.30 -1.45
C LYS A 357 -29.50 8.06 -0.51
N GLU A 358 -30.74 7.56 -0.37
CA GLU A 358 -31.78 8.24 0.41
C GLU A 358 -31.46 8.12 1.90
N GLU A 359 -30.93 6.98 2.35
CA GLU A 359 -30.53 6.80 3.76
C GLU A 359 -29.34 7.72 4.12
N ARG A 360 -28.41 7.93 3.20
CA ARG A 360 -27.29 8.88 3.42
C ARG A 360 -27.83 10.32 3.51
N LEU A 361 -28.76 10.67 2.62
CA LEU A 361 -29.37 12.01 2.61
C LEU A 361 -29.99 12.32 3.98
N LYS A 362 -30.73 11.34 4.51
CA LYS A 362 -31.45 11.47 5.79
C LYS A 362 -30.47 11.69 6.94
N LYS A 363 -29.40 10.90 7.00
CA LYS A 363 -28.40 11.01 8.06
C LYS A 363 -27.73 12.40 8.01
N LEU A 364 -27.49 12.92 6.80
CA LEU A 364 -26.80 14.19 6.61
C LEU A 364 -27.69 15.34 7.09
N CYS A 365 -28.97 15.28 6.71
CA CYS A 365 -29.92 16.31 7.07
C CYS A 365 -30.08 16.37 8.59
N GLU A 366 -30.16 15.20 9.25
CA GLU A 366 -30.32 15.13 10.70
C GLU A 366 -29.11 15.72 11.42
N LEU A 367 -27.91 15.45 10.88
CA LEU A 367 -26.69 15.96 11.45
C LEU A 367 -26.66 17.49 11.31
N TYR A 368 -27.00 17.98 10.11
CA TYR A 368 -26.94 19.41 9.84
C TYR A 368 -27.97 20.14 10.72
N ALA A 369 -29.14 19.52 10.90
CA ALA A 369 -30.21 20.07 11.72
C ALA A 369 -29.69 20.29 13.14
N LYS A 370 -29.04 19.28 13.71
CA LYS A 370 -28.47 19.38 15.03
C LYS A 370 -27.37 20.45 15.08
N VAL A 371 -26.46 20.45 14.10
CA VAL A 371 -25.26 21.29 14.17
C VAL A 371 -25.65 22.76 14.03
N LEU A 372 -26.56 23.04 13.10
CA LEU A 372 -27.03 24.41 12.79
C LEU A 372 -28.19 24.86 13.70
N GLY A 373 -28.74 23.97 14.53
CA GLY A 373 -29.91 24.26 15.40
C GLY A 373 -31.15 24.66 14.61
N SER A 374 -31.40 23.95 13.50
CA SER A 374 -32.36 24.38 12.45
C SER A 374 -33.17 23.20 11.91
N LEU A 375 -34.49 23.20 12.14
CA LEU A 375 -35.40 22.21 11.51
C LEU A 375 -35.44 22.36 9.98
N GLU A 376 -35.12 23.54 9.43
CA GLU A 376 -35.15 23.74 7.98
C GLU A 376 -34.18 22.78 7.24
N ALA A 377 -33.12 22.36 7.93
CA ALA A 377 -32.13 21.45 7.39
C ALA A 377 -32.73 20.07 7.08
N LEU A 378 -33.90 19.75 7.65
CA LEU A 378 -34.59 18.50 7.37
C LEU A 378 -35.45 18.60 6.10
N GLU A 379 -35.40 19.73 5.37
CA GLU A 379 -36.25 19.93 4.16
C GLU A 379 -35.41 20.15 2.90
N PRO A 380 -34.55 19.19 2.49
CA PRO A 380 -33.76 19.34 1.27
C PRO A 380 -34.64 19.26 0.01
N VAL A 381 -34.25 19.96 -1.06
CA VAL A 381 -35.02 19.95 -2.34
C VAL A 381 -34.33 19.07 -3.37
N HIS A 382 -33.06 18.72 -3.14
CA HIS A 382 -32.24 17.93 -4.06
C HIS A 382 -30.98 17.44 -3.34
N TYR A 383 -30.36 16.40 -3.90
CA TYR A 383 -29.15 15.75 -3.36
C TYR A 383 -28.29 15.19 -4.50
N GLU A 384 -26.98 15.45 -4.47
CA GLU A 384 -26.01 14.86 -5.39
C GLU A 384 -24.83 14.36 -4.57
N GLU A 385 -24.18 13.28 -5.03
CA GLU A 385 -23.05 12.72 -4.33
C GLU A 385 -22.16 11.92 -5.30
N LYS A 386 -20.93 11.68 -4.87
CA LYS A 386 -20.03 10.84 -5.59
C LYS A 386 -19.08 10.16 -4.60
N ASN A 387 -19.06 8.83 -4.66
CA ASN A 387 -18.13 8.00 -3.97
C ASN A 387 -16.92 7.76 -4.88
N TRP A 388 -15.76 8.34 -4.51
CA TRP A 388 -14.57 8.24 -5.32
C TRP A 388 -13.86 6.90 -5.14
N CYS A 389 -14.22 6.14 -4.11
CA CYS A 389 -13.61 4.84 -3.80
C CYS A 389 -13.89 3.79 -4.90
N GLU A 390 -14.98 3.96 -5.66
CA GLU A 390 -15.43 2.93 -6.58
C GLU A 390 -14.85 3.18 -7.99
N GLU A 391 -14.08 4.25 -8.17
CA GLU A 391 -13.55 4.61 -9.49
C GLU A 391 -12.32 3.75 -9.81
N GLN A 392 -12.49 2.86 -10.80
CA GLN A 392 -11.40 2.04 -11.33
C GLN A 392 -10.22 2.92 -11.79
N TYR A 393 -10.50 4.07 -12.40
CA TYR A 393 -9.46 4.87 -13.06
C TYR A 393 -9.12 6.12 -12.23
N SER A 394 -9.46 6.08 -10.92
CA SER A 394 -8.98 7.04 -9.93
C SER A 394 -8.31 6.32 -8.76
N GLY A 395 -9.00 5.32 -8.20
CA GLY A 395 -8.52 4.50 -7.09
C GLY A 395 -8.88 5.09 -5.73
N GLY A 396 -9.40 6.33 -5.73
CA GLY A 396 -9.81 7.09 -4.54
C GLY A 396 -9.63 8.59 -4.73
N CYS A 397 -9.75 9.36 -3.64
CA CYS A 397 -9.55 10.81 -3.61
C CYS A 397 -9.20 11.22 -2.18
N TYR A 398 -8.56 12.39 -2.00
CA TYR A 398 -8.23 13.36 -3.02
C TYR A 398 -6.99 12.93 -3.78
N THR A 399 -6.06 12.30 -3.07
CA THR A 399 -4.73 12.02 -3.61
C THR A 399 -4.15 10.76 -2.95
N THR A 400 -2.91 10.47 -3.32
CA THR A 400 -2.11 9.37 -2.83
C THR A 400 -1.57 9.71 -1.44
N TYR A 401 -1.71 8.77 -0.49
CA TYR A 401 -1.03 8.89 0.79
C TYR A 401 0.09 7.85 0.87
N PHE A 402 1.05 8.10 1.76
CA PHE A 402 2.19 7.21 1.96
C PHE A 402 2.13 6.62 3.36
N PRO A 403 1.97 5.29 3.48
CA PRO A 403 2.07 4.64 4.79
C PRO A 403 3.49 4.70 5.34
N PRO A 404 3.67 4.41 6.65
CA PRO A 404 5.00 4.44 7.27
C PRO A 404 6.02 3.60 6.50
N GLY A 405 7.18 4.22 6.26
CA GLY A 405 8.39 3.55 5.80
C GLY A 405 8.63 3.72 4.30
N ILE A 406 7.63 4.28 3.59
CA ILE A 406 7.59 4.20 2.14
C ILE A 406 8.27 5.41 1.50
N LEU A 407 8.08 6.62 2.06
CA LEU A 407 8.58 7.86 1.45
C LEU A 407 10.11 7.90 1.46
N THR A 408 10.76 7.44 2.54
CA THR A 408 12.22 7.49 2.63
C THR A 408 12.85 6.42 1.74
N GLN A 409 12.16 5.29 1.54
CA GLN A 409 12.68 4.14 0.79
C GLN A 409 12.38 4.27 -0.71
N TYR A 410 11.18 4.78 -1.07
CA TYR A 410 10.70 4.72 -2.47
C TYR A 410 10.46 6.12 -3.06
N GLY A 411 10.48 7.15 -2.22
CA GLY A 411 10.07 8.50 -2.59
C GLY A 411 10.86 9.07 -3.76
N ARG A 412 12.15 8.77 -3.85
CA ARG A 412 13.00 9.43 -4.87
C ARG A 412 12.69 8.94 -6.30
N VAL A 413 11.92 7.85 -6.48
CA VAL A 413 11.69 7.30 -7.82
C VAL A 413 10.36 7.79 -8.38
N LEU A 414 9.59 8.52 -7.57
CA LEU A 414 8.27 9.04 -7.94
C LEU A 414 8.32 9.78 -9.31
N ARG A 415 9.28 10.69 -9.52
CA ARG A 415 9.36 11.44 -10.81
C ARG A 415 10.63 11.13 -11.61
N GLN A 416 11.38 10.10 -11.20
CA GLN A 416 12.53 9.59 -11.93
C GLN A 416 12.07 8.95 -13.24
N PRO A 417 12.51 9.47 -14.42
CA PRO A 417 12.13 8.89 -15.70
C PRO A 417 12.55 7.43 -15.82
N VAL A 418 11.77 6.65 -16.58
CA VAL A 418 12.12 5.30 -16.94
C VAL A 418 12.31 5.27 -18.47
N ASP A 419 13.58 5.37 -18.87
CA ASP A 419 13.99 5.46 -20.26
C ASP A 419 13.28 6.69 -20.86
N ARG A 420 12.20 6.49 -21.62
CA ARG A 420 11.54 7.60 -22.34
C ARG A 420 10.12 7.88 -21.80
N ILE A 421 9.79 7.30 -20.64
CA ILE A 421 8.58 7.63 -19.88
C ILE A 421 8.94 8.66 -18.80
N TYR A 422 8.24 9.80 -18.83
CA TYR A 422 8.33 10.87 -17.82
C TYR A 422 7.01 10.89 -17.02
N PHE A 423 7.08 11.29 -15.75
CA PHE A 423 5.97 11.21 -14.82
C PHE A 423 5.46 12.61 -14.44
N ALA A 424 4.19 12.86 -14.78
CA ALA A 424 3.37 13.95 -14.32
C ALA A 424 2.39 13.41 -13.27
N GLY A 425 1.25 14.09 -13.10
CA GLY A 425 0.28 13.81 -12.07
C GLY A 425 0.60 14.57 -10.81
N THR A 426 -0.42 14.96 -10.06
CA THR A 426 -0.28 15.90 -8.96
C THR A 426 0.66 15.31 -7.89
N GLU A 427 0.72 13.98 -7.78
CA GLU A 427 1.54 13.28 -6.79
C GLU A 427 3.03 13.61 -6.94
N THR A 428 3.44 14.06 -8.15
CA THR A 428 4.86 14.31 -8.45
C THR A 428 5.22 15.81 -8.29
N ALA A 429 4.28 16.64 -7.83
CA ALA A 429 4.50 18.08 -7.65
C ALA A 429 5.24 18.35 -6.34
N THR A 430 5.82 19.56 -6.24
CA THR A 430 6.56 20.03 -5.05
C THR A 430 5.82 21.17 -4.33
N HIS A 431 4.74 21.67 -4.94
CA HIS A 431 3.94 22.76 -4.39
C HIS A 431 2.46 22.47 -4.67
N TRP A 432 1.67 22.30 -3.60
CA TRP A 432 0.26 21.85 -3.66
C TRP A 432 0.13 20.51 -4.40
N SER A 433 1.10 19.62 -4.19
CA SER A 433 0.90 18.21 -4.49
C SER A 433 -0.40 17.77 -3.83
N GLY A 434 -1.24 17.06 -4.58
CA GLY A 434 -2.56 16.61 -4.15
C GLY A 434 -3.69 17.47 -4.69
N TYR A 435 -3.37 18.67 -5.21
CA TYR A 435 -4.36 19.63 -5.68
C TYR A 435 -4.28 19.78 -7.20
N MET A 436 -5.27 20.47 -7.76
CA MET A 436 -5.30 20.84 -9.16
C MET A 436 -4.06 21.68 -9.50
N GLU A 437 -3.62 22.52 -8.55
CA GLU A 437 -2.39 23.31 -8.67
C GLU A 437 -1.21 22.38 -8.99
N GLY A 438 -1.04 21.34 -8.18
CA GLY A 438 0.06 20.37 -8.34
C GLY A 438 0.00 19.62 -9.66
N ALA A 439 -1.21 19.38 -10.15
CA ALA A 439 -1.42 18.75 -11.44
C ALA A 439 -0.78 19.60 -12.55
N VAL A 440 -0.99 20.91 -12.51
CA VAL A 440 -0.52 21.81 -13.55
C VAL A 440 1.01 21.87 -13.48
N GLU A 441 1.57 22.11 -12.28
CA GLU A 441 3.04 22.11 -12.05
C GLU A 441 3.65 20.83 -12.64
N ALA A 442 3.12 19.67 -12.25
CA ALA A 442 3.71 18.37 -12.61
C ALA A 442 3.62 18.12 -14.13
N GLY A 443 2.47 18.44 -14.71
CA GLY A 443 2.23 18.30 -16.16
C GLY A 443 3.17 19.17 -17.00
N GLU A 444 3.35 20.42 -16.59
CA GLU A 444 4.16 21.36 -17.36
C GLU A 444 5.64 21.05 -17.15
N ARG A 445 6.02 20.58 -15.96
CA ARG A 445 7.39 20.20 -15.65
C ARG A 445 7.78 18.98 -16.49
N ALA A 446 6.91 17.95 -16.52
CA ALA A 446 7.18 16.71 -17.28
C ALA A 446 7.28 17.00 -18.79
N ALA A 447 6.41 17.89 -19.30
CA ALA A 447 6.45 18.30 -20.70
C ALA A 447 7.78 18.97 -21.02
N ARG A 448 8.30 19.77 -20.09
CA ARG A 448 9.53 20.50 -20.31
C ARG A 448 10.74 19.55 -20.19
N GLU A 449 10.65 18.55 -19.32
CA GLU A 449 11.69 17.51 -19.28
C GLU A 449 11.87 16.91 -20.68
N ILE A 450 10.76 16.70 -21.39
CA ILE A 450 10.80 16.14 -22.74
C ILE A 450 11.40 17.17 -23.73
N LEU A 451 10.98 18.44 -23.64
CA LEU A 451 11.54 19.49 -24.49
C LEU A 451 13.07 19.56 -24.31
N HIS A 452 13.54 19.37 -23.07
CA HIS A 452 14.97 19.37 -22.78
C HIS A 452 15.63 18.15 -23.43
N ALA A 453 15.00 16.97 -23.32
CA ALA A 453 15.55 15.72 -23.87
C ALA A 453 15.65 15.81 -25.40
N MET A 454 14.82 16.64 -26.02
CA MET A 454 14.81 16.83 -27.45
C MET A 454 15.72 18.00 -27.87
N GLY A 455 16.42 18.61 -26.89
CA GLY A 455 17.38 19.71 -27.13
C GLY A 455 16.72 21.05 -27.50
N LYS A 456 15.44 21.23 -27.15
CA LYS A 456 14.66 22.43 -27.54
C LYS A 456 14.70 23.52 -26.46
N ILE A 457 15.07 23.17 -25.22
CA ILE A 457 15.23 24.15 -24.13
C ILE A 457 16.40 23.71 -23.27
N PRO A 458 17.11 24.66 -22.62
CA PRO A 458 18.18 24.32 -21.68
C PRO A 458 17.65 23.75 -20.35
N GLU A 459 18.54 23.12 -19.58
CA GLU A 459 18.17 22.35 -18.39
C GLU A 459 17.52 23.24 -17.32
N ASP A 460 18.00 24.48 -17.20
CA ASP A 460 17.55 25.41 -16.14
C ASP A 460 16.11 25.89 -16.40
N GLU A 461 15.47 25.46 -17.49
CA GLU A 461 14.12 25.88 -17.84
C GLU A 461 13.09 24.77 -17.57
N ILE A 462 13.53 23.60 -17.08
CA ILE A 462 12.63 22.48 -16.74
C ILE A 462 11.67 22.92 -15.63
N TRP A 463 12.23 23.41 -14.51
CA TRP A 463 11.48 24.01 -13.38
C TRP A 463 11.37 25.52 -13.60
N GLN A 464 10.13 26.00 -13.73
CA GLN A 464 9.84 27.37 -14.03
C GLN A 464 8.96 27.93 -12.91
N SER A 465 9.38 29.07 -12.35
CA SER A 465 8.59 29.76 -11.33
C SER A 465 7.38 30.43 -12.01
N GLU A 466 6.38 30.76 -11.19
CA GLU A 466 5.10 31.27 -11.65
C GLU A 466 4.83 32.64 -11.05
N PRO A 467 4.66 33.72 -11.87
CA PRO A 467 4.24 35.02 -11.34
C PRO A 467 2.96 34.89 -10.48
N GLU A 468 2.87 35.70 -9.43
CA GLU A 468 1.70 35.78 -8.55
C GLU A 468 0.47 36.27 -9.33
N SER A 469 -0.69 35.65 -9.11
CA SER A 469 -1.96 36.10 -9.69
C SER A 469 -2.27 37.52 -9.20
N VAL A 470 -2.71 38.38 -10.11
CA VAL A 470 -3.09 39.75 -9.76
C VAL A 470 -4.56 39.78 -9.34
N ASP A 471 -5.31 38.69 -9.61
CA ASP A 471 -6.75 38.56 -9.25
C ASP A 471 -6.95 37.92 -7.87
N VAL A 472 -6.01 37.05 -7.47
CA VAL A 472 -6.07 36.32 -6.22
C VAL A 472 -4.73 36.49 -5.51
N PRO A 473 -4.46 37.68 -4.93
CA PRO A 473 -3.17 37.94 -4.28
C PRO A 473 -3.03 37.21 -2.93
N ALA A 474 -1.81 36.83 -2.56
CA ALA A 474 -1.57 36.08 -1.34
C ALA A 474 -1.13 37.00 -0.18
N GLN A 475 -1.99 37.14 0.83
CA GLN A 475 -1.62 37.71 2.12
C GLN A 475 -0.64 36.75 2.78
N PRO A 476 0.48 37.22 3.35
CA PRO A 476 1.47 36.31 3.93
C PRO A 476 0.90 35.67 5.20
N ILE A 477 1.49 34.55 5.61
CA ILE A 477 1.14 33.91 6.85
C ILE A 477 1.96 34.58 7.97
N THR A 478 1.27 35.19 8.92
CA THR A 478 1.92 35.89 10.05
C THR A 478 1.53 35.22 11.37
N THR A 479 2.40 35.35 12.38
CA THR A 479 2.12 34.88 13.73
C THR A 479 2.31 36.04 14.72
N THR A 480 1.59 35.98 15.86
CA THR A 480 1.73 36.92 16.98
C THR A 480 2.88 36.46 17.89
N PHE A 481 3.37 37.39 18.73
CA PHE A 481 4.49 37.11 19.67
C PHE A 481 4.16 35.94 20.61
N LEU A 482 2.94 35.95 21.14
CA LEU A 482 2.45 34.94 22.07
C LEU A 482 2.44 33.56 21.38
N GLU A 483 1.89 33.53 20.15
CA GLU A 483 1.83 32.30 19.36
C GLU A 483 3.23 31.69 19.26
N ARG A 484 4.23 32.54 18.99
CA ARG A 484 5.61 32.10 18.80
C ARG A 484 6.23 31.60 20.12
N HIS A 485 5.96 32.27 21.24
CA HIS A 485 6.76 32.08 22.48
C HIS A 485 5.98 31.41 23.63
N LEU A 486 4.65 31.28 23.53
CA LEU A 486 3.93 30.60 24.61
C LEU A 486 4.46 29.18 24.71
N PRO A 487 4.59 28.62 25.94
CA PRO A 487 5.22 27.32 26.12
C PRO A 487 4.24 26.20 25.78
N SER A 488 4.79 25.02 25.46
CA SER A 488 4.03 23.79 25.36
C SER A 488 3.51 23.43 26.76
N VAL A 489 2.69 22.39 26.83
CA VAL A 489 2.26 21.88 28.12
C VAL A 489 3.48 21.37 28.90
N PRO A 490 4.30 20.44 28.37
CA PRO A 490 5.48 19.97 29.10
C PRO A 490 6.45 21.10 29.46
N GLY A 491 6.50 22.13 28.61
CA GLY A 491 7.34 23.32 28.81
C GLY A 491 6.86 24.21 29.95
N LEU A 492 5.55 24.23 30.21
CA LEU A 492 4.99 24.90 31.39
C LEU A 492 5.34 24.12 32.67
N LEU A 493 5.25 22.78 32.60
CA LEU A 493 5.60 21.87 33.71
C LEU A 493 7.09 21.97 34.04
N ARG A 494 7.94 22.21 33.04
CA ARG A 494 9.38 22.39 33.23
C ARG A 494 9.65 23.73 33.94
N LEU A 495 8.83 24.75 33.67
CA LEU A 495 8.93 26.05 34.35
C LEU A 495 8.57 25.90 35.84
N ILE A 496 7.64 25.00 36.16
CA ILE A 496 7.13 24.78 37.54
C ILE A 496 8.19 24.03 38.37
N GLY A 497 8.76 22.96 37.81
CA GLY A 497 9.79 22.15 38.46
C GLY A 497 11.09 22.90 38.69
N LEU A 498 11.38 23.91 37.84
CA LEU A 498 12.64 24.69 37.88
C LEU A 498 12.56 25.80 38.94
N THR A 499 11.41 26.47 39.03
CA THR A 499 11.15 27.49 40.06
C THR A 499 11.26 26.87 41.46
N THR A 500 10.34 25.93 41.74
CA THR A 500 10.19 25.30 43.05
C THR A 500 11.19 24.15 43.19
N ILE A 501 12.47 24.48 43.40
CA ILE A 501 13.56 23.51 43.63
C ILE A 501 14.67 24.23 44.41
N ASN B 3 -10.02 -21.24 -26.27
CA ASN B 3 -11.30 -20.51 -26.57
C ASN B 3 -12.32 -20.83 -25.46
N LYS B 4 -13.23 -21.79 -25.67
CA LYS B 4 -14.35 -22.03 -24.72
C LYS B 4 -13.96 -23.15 -23.75
N CYS B 5 -14.27 -22.97 -22.46
CA CYS B 5 -14.00 -23.97 -21.45
C CYS B 5 -14.92 -23.74 -20.26
N ASP B 6 -14.80 -24.59 -19.22
CA ASP B 6 -15.64 -24.52 -18.00
C ASP B 6 -15.06 -23.49 -17.01
N VAL B 7 -13.72 -23.50 -16.80
CA VAL B 7 -13.06 -22.65 -15.80
C VAL B 7 -11.72 -22.15 -16.35
N VAL B 8 -11.54 -20.83 -16.39
CA VAL B 8 -10.23 -20.20 -16.56
C VAL B 8 -9.61 -19.95 -15.17
N VAL B 9 -8.37 -20.42 -14.99
CA VAL B 9 -7.56 -20.09 -13.82
C VAL B 9 -6.52 -19.05 -14.26
N VAL B 10 -6.49 -17.90 -13.60
CA VAL B 10 -5.46 -16.88 -13.84
C VAL B 10 -4.30 -17.12 -12.87
N GLY B 11 -3.17 -17.59 -13.41
CA GLY B 11 -1.95 -17.79 -12.67
C GLY B 11 -1.59 -19.27 -12.50
N GLY B 12 -0.33 -19.59 -12.79
CA GLY B 12 0.17 -20.94 -12.79
C GLY B 12 1.21 -21.19 -11.71
N GLY B 13 1.09 -20.48 -10.58
CA GLY B 13 1.77 -20.83 -9.36
C GLY B 13 1.17 -22.10 -8.77
N ILE B 14 1.62 -22.48 -7.58
CA ILE B 14 1.12 -23.67 -6.92
C ILE B 14 -0.39 -23.57 -6.69
N SER B 15 -0.90 -22.40 -6.33
CA SER B 15 -2.33 -22.27 -6.01
C SER B 15 -3.17 -22.55 -7.26
N GLY B 16 -2.86 -21.84 -8.35
CA GLY B 16 -3.61 -21.99 -9.61
C GLY B 16 -3.51 -23.41 -10.15
N MET B 17 -2.34 -24.02 -10.01
CA MET B 17 -2.09 -25.35 -10.53
C MET B 17 -2.86 -26.37 -9.68
N ALA B 18 -2.82 -26.21 -8.35
CA ALA B 18 -3.61 -27.05 -7.43
C ALA B 18 -5.11 -26.95 -7.74
N ALA B 19 -5.61 -25.74 -8.00
CA ALA B 19 -7.04 -25.56 -8.31
C ALA B 19 -7.35 -26.21 -9.66
N ALA B 20 -6.53 -25.95 -10.68
CA ALA B 20 -6.76 -26.53 -12.01
C ALA B 20 -6.76 -28.06 -11.92
N LYS B 21 -5.84 -28.64 -11.13
CA LYS B 21 -5.75 -30.10 -11.05
C LYS B 21 -7.04 -30.67 -10.46
N LEU B 22 -7.58 -30.02 -9.42
CA LEU B 22 -8.74 -30.54 -8.74
C LEU B 22 -9.95 -30.55 -9.70
N LEU B 23 -10.14 -29.45 -10.42
CA LEU B 23 -11.24 -29.28 -11.36
C LEU B 23 -11.14 -30.32 -12.49
N HIS B 24 -9.92 -30.47 -13.03
CA HIS B 24 -9.59 -31.42 -14.09
C HIS B 24 -9.96 -32.84 -13.65
N ASP B 25 -9.56 -33.21 -12.43
CA ASP B 25 -9.74 -34.57 -11.88
C ASP B 25 -11.24 -34.90 -11.69
N SER B 26 -12.08 -33.85 -11.59
CA SER B 26 -13.52 -33.98 -11.39
C SER B 26 -14.26 -33.90 -12.74
N GLY B 27 -13.52 -33.72 -13.84
CA GLY B 27 -14.07 -33.86 -15.19
C GLY B 27 -14.45 -32.56 -15.86
N LEU B 28 -13.98 -31.41 -15.35
CA LEU B 28 -14.21 -30.13 -16.03
C LEU B 28 -13.04 -29.78 -16.95
N ASN B 29 -13.35 -29.02 -18.00
CA ASN B 29 -12.37 -28.49 -18.94
C ASN B 29 -11.79 -27.19 -18.38
N VAL B 30 -10.49 -27.19 -18.06
CA VAL B 30 -9.82 -26.07 -17.42
C VAL B 30 -8.76 -25.55 -18.38
N VAL B 31 -8.56 -24.24 -18.36
CA VAL B 31 -7.45 -23.55 -19.00
C VAL B 31 -6.74 -22.71 -17.93
N VAL B 32 -5.40 -22.79 -17.92
CA VAL B 32 -4.59 -21.98 -17.02
C VAL B 32 -3.86 -20.94 -17.88
N LEU B 33 -4.09 -19.66 -17.56
CA LEU B 33 -3.45 -18.55 -18.22
C LEU B 33 -2.34 -18.02 -17.31
N GLU B 34 -1.08 -18.22 -17.74
CA GLU B 34 0.14 -17.87 -16.99
C GLU B 34 0.92 -16.79 -17.76
N ALA B 35 1.30 -15.72 -17.05
CA ALA B 35 1.86 -14.49 -17.63
C ALA B 35 3.31 -14.71 -18.09
N ARG B 36 4.06 -15.56 -17.36
CA ARG B 36 5.47 -15.80 -17.61
C ARG B 36 5.64 -16.93 -18.64
N ASP B 37 6.90 -17.09 -19.11
CA ASP B 37 7.32 -18.21 -19.93
C ASP B 37 7.58 -19.46 -19.08
N ARG B 38 7.19 -19.45 -17.80
CA ARG B 38 7.29 -20.62 -16.96
C ARG B 38 6.11 -20.67 -15.99
N VAL B 39 5.97 -21.80 -15.30
CA VAL B 39 5.02 -22.01 -14.20
C VAL B 39 5.82 -22.01 -12.89
N GLY B 40 5.13 -21.90 -11.75
CA GLY B 40 5.75 -21.99 -10.42
C GLY B 40 5.63 -20.70 -9.61
N GLY B 41 5.60 -19.56 -10.31
CA GLY B 41 5.46 -18.24 -9.68
C GLY B 41 6.60 -17.92 -8.70
N ARG B 42 6.26 -17.90 -7.41
CA ARG B 42 7.19 -17.53 -6.31
C ARG B 42 8.00 -18.76 -5.86
N THR B 43 7.77 -19.90 -6.53
CA THR B 43 8.72 -21.00 -6.56
C THR B 43 9.41 -21.00 -7.92
N TYR B 44 10.72 -21.24 -7.90
CA TYR B 44 11.52 -21.35 -9.10
C TYR B 44 12.76 -22.19 -8.78
N THR B 45 12.94 -23.29 -9.51
CA THR B 45 14.11 -24.18 -9.36
C THR B 45 14.98 -24.05 -10.62
N LEU B 46 16.21 -23.54 -10.43
CA LEU B 46 17.23 -23.43 -11.46
C LEU B 46 18.08 -24.70 -11.43
N ARG B 47 18.29 -25.30 -12.61
CA ARG B 47 19.19 -26.44 -12.81
C ARG B 47 20.38 -26.02 -13.67
N ASN B 48 21.57 -26.40 -13.21
CA ASN B 48 22.83 -26.30 -13.95
C ASN B 48 23.82 -27.26 -13.30
N GLN B 49 24.94 -27.49 -13.97
CA GLN B 49 25.87 -28.53 -13.56
C GLN B 49 26.49 -28.19 -12.21
N LYS B 50 26.67 -26.89 -11.91
CA LYS B 50 27.41 -26.44 -10.72
C LYS B 50 26.59 -26.70 -9.45
N VAL B 51 25.26 -26.48 -9.52
CA VAL B 51 24.36 -26.57 -8.36
C VAL B 51 23.56 -27.89 -8.37
N LYS B 52 23.46 -28.49 -9.57
CA LYS B 52 22.50 -29.52 -9.98
C LYS B 52 21.09 -28.92 -10.02
N TYR B 53 20.50 -28.65 -8.86
CA TYR B 53 19.26 -27.87 -8.77
C TYR B 53 19.32 -26.98 -7.53
N VAL B 54 18.65 -25.83 -7.58
CA VAL B 54 18.57 -24.94 -6.44
C VAL B 54 17.23 -24.20 -6.47
N ASP B 55 16.57 -24.14 -5.31
CA ASP B 55 15.36 -23.36 -5.15
C ASP B 55 15.77 -21.90 -4.92
N LEU B 56 15.30 -21.00 -5.79
CA LEU B 56 15.59 -19.56 -5.68
C LEU B 56 14.40 -18.78 -5.13
N GLY B 57 13.25 -19.46 -4.97
CA GLY B 57 12.07 -18.94 -4.29
C GLY B 57 11.68 -19.84 -3.13
N GLY B 58 10.38 -20.04 -2.94
CA GLY B 58 9.86 -20.97 -1.91
C GLY B 58 10.45 -22.37 -2.01
N SER B 59 10.79 -22.96 -0.86
CA SER B 59 11.60 -24.16 -0.80
C SER B 59 11.26 -25.09 0.38
N TYR B 60 11.06 -24.53 1.59
CA TYR B 60 10.94 -25.33 2.81
C TYR B 60 9.50 -25.77 3.06
N VAL B 61 9.37 -27.00 3.55
CA VAL B 61 8.13 -27.56 4.08
C VAL B 61 8.46 -28.25 5.39
N GLY B 62 7.42 -28.50 6.19
CA GLY B 62 7.60 -29.09 7.49
C GLY B 62 6.32 -29.69 8.05
N PRO B 63 6.38 -30.33 9.23
CA PRO B 63 5.17 -30.86 9.87
C PRO B 63 4.04 -29.83 9.98
N THR B 64 2.81 -30.36 9.89
CA THR B 64 1.50 -29.67 9.88
C THR B 64 1.19 -29.06 8.50
N GLN B 65 2.12 -29.14 7.54
CA GLN B 65 1.87 -28.66 6.18
C GLN B 65 1.42 -29.84 5.29
N ASN B 66 0.28 -30.44 5.65
CA ASN B 66 -0.10 -31.78 5.16
C ASN B 66 -0.65 -31.74 3.73
N ARG B 67 -1.12 -30.57 3.26
CA ARG B 67 -1.70 -30.46 1.92
C ARG B 67 -0.59 -30.45 0.85
N ILE B 68 0.48 -29.66 1.05
CA ILE B 68 1.58 -29.59 0.07
C ILE B 68 2.33 -30.93 0.07
N LEU B 69 2.43 -31.58 1.22
CA LEU B 69 3.09 -32.87 1.28
C LEU B 69 2.29 -33.95 0.55
N ARG B 70 0.94 -33.94 0.67
CA ARG B 70 0.07 -34.92 -0.02
C ARG B 70 0.13 -34.72 -1.55
N LEU B 71 0.00 -33.46 -1.99
CA LEU B 71 -0.01 -33.12 -3.40
C LEU B 71 1.32 -33.52 -4.04
N ALA B 72 2.42 -33.19 -3.36
CA ALA B 72 3.78 -33.46 -3.84
C ALA B 72 4.05 -34.98 -3.88
N LYS B 73 3.65 -35.71 -2.84
CA LYS B 73 3.74 -37.18 -2.84
C LYS B 73 2.98 -37.81 -4.03
N GLU B 74 1.76 -37.35 -4.30
CA GLU B 74 0.97 -37.84 -5.44
C GLU B 74 1.68 -37.54 -6.79
N LEU B 75 2.39 -36.41 -6.88
CA LEU B 75 3.16 -36.07 -8.07
C LEU B 75 4.49 -36.84 -8.11
N GLY B 76 4.79 -37.65 -7.10
CA GLY B 76 5.96 -38.54 -7.10
C GLY B 76 7.21 -37.91 -6.48
N LEU B 77 7.04 -36.80 -5.76
CA LEU B 77 8.15 -36.10 -5.12
C LEU B 77 8.40 -36.69 -3.73
N GLU B 78 9.61 -36.46 -3.22
CA GLU B 78 10.03 -36.89 -1.88
C GLU B 78 10.79 -35.76 -1.19
N THR B 79 10.85 -35.82 0.15
CA THR B 79 11.51 -34.80 0.93
C THR B 79 12.79 -35.35 1.54
N TYR B 80 13.68 -34.42 1.92
CA TYR B 80 14.79 -34.71 2.78
C TYR B 80 14.84 -33.61 3.86
N LYS B 81 15.55 -33.94 4.94
CA LYS B 81 15.66 -33.11 6.14
C LYS B 81 16.79 -32.09 5.97
N VAL B 82 16.49 -30.82 6.30
CA VAL B 82 17.47 -29.75 6.38
C VAL B 82 18.46 -30.08 7.50
N ASN B 83 19.75 -29.85 7.26
CA ASN B 83 20.77 -30.23 8.22
C ASN B 83 20.64 -29.38 9.49
N GLU B 84 20.32 -30.03 10.62
CA GLU B 84 20.36 -29.40 11.93
C GLU B 84 20.94 -30.38 12.97
N VAL B 85 21.89 -31.24 12.56
CA VAL B 85 22.53 -32.18 13.50
C VAL B 85 23.41 -31.39 14.51
N GLU B 86 24.21 -30.45 14.03
CA GLU B 86 25.20 -29.74 14.88
C GLU B 86 24.60 -28.42 15.41
N ARG B 87 25.46 -27.55 15.96
CA ARG B 87 25.00 -26.38 16.71
C ARG B 87 24.62 -25.22 15.77
N LEU B 88 23.61 -24.47 16.20
CA LEU B 88 23.19 -23.22 15.61
C LEU B 88 24.11 -22.11 16.14
N ILE B 89 24.15 -20.98 15.44
CA ILE B 89 24.92 -19.84 15.86
C ILE B 89 24.04 -18.61 15.94
N HIS B 90 24.12 -17.91 17.08
CA HIS B 90 23.64 -16.56 17.24
C HIS B 90 24.85 -15.63 17.28
N HIS B 91 24.96 -14.77 16.26
CA HIS B 91 26.01 -13.78 16.19
C HIS B 91 25.47 -12.44 16.69
N VAL B 92 26.01 -11.96 17.82
CA VAL B 92 25.54 -10.73 18.48
C VAL B 92 26.79 -9.94 18.93
N LYS B 93 26.82 -8.66 18.54
CA LYS B 93 27.88 -7.71 18.94
C LYS B 93 29.27 -8.27 18.59
N GLY B 94 29.41 -8.73 17.33
CA GLY B 94 30.69 -9.14 16.74
C GLY B 94 31.21 -10.48 17.25
N LYS B 95 30.33 -11.31 17.81
CA LYS B 95 30.77 -12.59 18.36
C LYS B 95 29.71 -13.68 18.14
N SER B 96 30.20 -14.91 17.94
CA SER B 96 29.36 -16.09 17.70
C SER B 96 29.13 -16.87 19.00
N TYR B 97 27.86 -17.13 19.31
CA TYR B 97 27.46 -17.91 20.45
C TYR B 97 26.74 -19.17 19.97
N PRO B 98 27.39 -20.35 20.01
CA PRO B 98 26.72 -21.60 19.65
C PRO B 98 25.54 -21.95 20.57
N PHE B 99 24.49 -22.55 20.00
CA PHE B 99 23.37 -23.01 20.80
C PHE B 99 22.64 -24.17 20.12
N ARG B 100 21.78 -24.82 20.91
CA ARG B 100 20.89 -25.90 20.50
C ARG B 100 19.45 -25.52 20.88
N GLY B 101 18.48 -26.17 20.23
CA GLY B 101 17.08 -25.82 20.38
C GLY B 101 16.75 -24.63 19.50
N PRO B 102 15.44 -24.36 19.28
CA PRO B 102 15.03 -23.35 18.29
C PRO B 102 15.24 -21.87 18.67
N PHE B 103 15.18 -21.55 19.96
CA PHE B 103 15.19 -20.18 20.45
C PHE B 103 16.60 -19.79 20.89
N PRO B 104 17.19 -18.72 20.32
CA PRO B 104 18.53 -18.29 20.72
C PRO B 104 18.54 -17.95 22.20
N PRO B 105 19.35 -18.64 23.03
CA PRO B 105 19.27 -18.49 24.48
C PRO B 105 19.96 -17.21 24.97
N VAL B 106 19.70 -16.86 26.22
CA VAL B 106 20.22 -15.66 26.83
C VAL B 106 20.53 -15.99 28.29
N TRP B 107 21.50 -15.26 28.87
CA TRP B 107 22.11 -15.63 30.18
C TRP B 107 21.85 -14.59 31.28
N ASN B 108 21.83 -13.29 30.94
CA ASN B 108 21.50 -12.24 31.92
C ASN B 108 20.05 -12.43 32.38
N PRO B 109 19.74 -12.38 33.70
CA PRO B 109 18.40 -12.72 34.20
C PRO B 109 17.27 -11.75 33.81
N ILE B 110 17.59 -10.47 33.63
CA ILE B 110 16.60 -9.51 33.19
C ILE B 110 16.30 -9.77 31.70
N THR B 111 17.35 -9.92 30.91
CA THR B 111 17.24 -10.19 29.50
C THR B 111 16.45 -11.49 29.30
N TYR B 112 16.75 -12.50 30.13
CA TYR B 112 16.06 -13.78 30.11
C TYR B 112 14.55 -13.59 30.26
N LEU B 113 14.14 -12.87 31.32
CA LEU B 113 12.71 -12.65 31.57
C LEU B 113 12.10 -11.91 30.36
N ASP B 114 12.84 -10.97 29.79
CA ASP B 114 12.35 -10.12 28.71
C ASP B 114 12.18 -10.93 27.42
N HIS B 115 13.16 -11.79 27.12
CA HIS B 115 13.10 -12.68 25.95
C HIS B 115 11.95 -13.67 26.11
N ASN B 116 11.83 -14.29 27.29
CA ASN B 116 10.81 -15.31 27.57
C ASN B 116 9.41 -14.71 27.39
N ASN B 117 9.25 -13.49 27.89
CA ASN B 117 7.98 -12.81 27.85
C ASN B 117 7.62 -12.45 26.40
N PHE B 118 8.61 -12.06 25.59
CA PHE B 118 8.31 -11.58 24.24
C PHE B 118 7.68 -12.72 23.41
N TRP B 119 8.39 -13.84 23.32
CA TRP B 119 7.88 -15.02 22.62
C TRP B 119 6.52 -15.42 23.17
N ARG B 120 6.40 -15.52 24.49
CA ARG B 120 5.18 -15.98 25.15
C ARG B 120 4.01 -15.06 24.81
N THR B 121 4.27 -13.75 24.75
CA THR B 121 3.21 -12.75 24.53
C THR B 121 2.71 -12.83 23.08
N MET B 122 3.62 -13.06 22.11
CA MET B 122 3.21 -13.27 20.72
C MET B 122 2.15 -14.38 20.62
N ASP B 123 2.36 -15.49 21.34
CA ASP B 123 1.43 -16.64 21.29
C ASP B 123 0.14 -16.38 22.08
N ASP B 124 0.23 -15.70 23.24
CA ASP B 124 -0.96 -15.33 24.03
C ASP B 124 -1.90 -14.43 23.21
N MET B 125 -1.32 -13.42 22.56
CA MET B 125 -2.10 -12.53 21.74
C MET B 125 -2.70 -13.32 20.59
N GLY B 126 -1.92 -14.25 20.04
CA GLY B 126 -2.36 -15.10 18.94
C GLY B 126 -3.62 -15.90 19.27
N ARG B 127 -3.72 -16.33 20.54
CA ARG B 127 -4.79 -17.23 20.95
C ARG B 127 -6.16 -16.55 20.89
N GLU B 128 -6.20 -15.22 20.73
CA GLU B 128 -7.46 -14.47 20.65
C GLU B 128 -7.74 -14.03 19.20
N ILE B 129 -6.98 -14.56 18.24
CA ILE B 129 -7.18 -14.17 16.84
C ILE B 129 -7.67 -15.36 16.04
N PRO B 130 -8.92 -15.34 15.54
CA PRO B 130 -9.41 -16.41 14.66
C PRO B 130 -8.64 -16.46 13.34
N SER B 131 -8.18 -17.65 12.98
CA SER B 131 -7.45 -17.92 11.74
C SER B 131 -8.25 -17.47 10.52
N ASP B 132 -9.56 -17.75 10.52
CA ASP B 132 -10.39 -17.53 9.33
C ASP B 132 -10.99 -16.11 9.33
N ALA B 133 -10.67 -15.31 10.36
CA ALA B 133 -11.27 -13.97 10.50
C ALA B 133 -10.50 -13.20 11.57
N PRO B 134 -9.28 -12.74 11.29
CA PRO B 134 -8.51 -12.00 12.30
C PRO B 134 -9.17 -10.67 12.67
N TRP B 135 -9.95 -10.09 11.75
CA TRP B 135 -10.70 -8.83 12.02
C TRP B 135 -11.76 -9.01 13.13
N LYS B 136 -11.99 -10.26 13.58
CA LYS B 136 -12.98 -10.59 14.63
C LYS B 136 -12.32 -10.82 16.00
N ALA B 137 -10.99 -10.64 16.06
CA ALA B 137 -10.26 -10.64 17.35
C ALA B 137 -10.89 -9.60 18.27
N PRO B 138 -11.05 -9.87 19.59
CA PRO B 138 -11.62 -8.89 20.51
C PRO B 138 -10.99 -7.50 20.43
N LEU B 139 -9.65 -7.43 20.32
CA LEU B 139 -8.91 -6.16 20.23
C LEU B 139 -8.40 -5.89 18.81
N ALA B 140 -9.16 -6.32 17.79
CA ALA B 140 -8.76 -6.19 16.40
C ALA B 140 -8.36 -4.74 16.05
N GLU B 141 -9.20 -3.77 16.38
CA GLU B 141 -8.94 -2.39 15.92
C GLU B 141 -7.71 -1.82 16.63
N GLU B 142 -7.63 -2.04 17.95
CA GLU B 142 -6.51 -1.61 18.75
C GLU B 142 -5.19 -2.15 18.16
N TRP B 143 -5.12 -3.45 17.92
CA TRP B 143 -3.91 -4.11 17.42
C TRP B 143 -3.66 -3.75 15.94
N ASP B 144 -4.72 -3.49 15.15
CA ASP B 144 -4.55 -3.21 13.73
C ASP B 144 -4.04 -1.77 13.48
N ASN B 145 -4.19 -0.89 14.47
CA ASN B 145 -3.89 0.55 14.34
C ASN B 145 -2.50 0.88 14.89
N MET B 146 -1.75 -0.18 15.18
CA MET B 146 -0.40 -0.18 15.71
C MET B 146 0.51 -0.88 14.70
N THR B 147 1.70 -0.35 14.45
CA THR B 147 2.72 -1.15 13.78
C THR B 147 3.35 -2.12 14.78
N MET B 148 4.06 -3.13 14.25
CA MET B 148 4.85 -4.04 15.07
C MET B 148 5.99 -3.27 15.79
N LYS B 149 6.47 -2.16 15.20
CA LYS B 149 7.46 -1.34 15.85
C LYS B 149 6.87 -0.75 17.15
N GLU B 150 5.61 -0.30 17.12
CA GLU B 150 4.95 0.21 18.33
C GLU B 150 4.83 -0.89 19.39
N LEU B 151 4.36 -2.07 18.99
CA LEU B 151 4.16 -3.16 19.93
C LEU B 151 5.51 -3.53 20.58
N LEU B 152 6.57 -3.67 19.76
CA LEU B 152 7.87 -4.10 20.28
C LEU B 152 8.45 -3.06 21.24
N ASP B 153 8.23 -1.77 20.93
CA ASP B 153 8.66 -0.69 21.80
C ASP B 153 8.01 -0.83 23.19
N LYS B 154 6.73 -1.22 23.25
CA LYS B 154 6.01 -1.36 24.54
C LYS B 154 6.47 -2.62 25.29
N LEU B 155 6.66 -3.71 24.55
CA LEU B 155 6.77 -5.01 25.12
C LEU B 155 8.22 -5.30 25.57
N CYS B 156 9.21 -4.81 24.81
CA CYS B 156 10.61 -5.18 24.99
C CYS B 156 11.34 -4.15 25.87
N TRP B 157 11.66 -4.56 27.10
CA TRP B 157 12.32 -3.71 28.08
C TRP B 157 13.84 -3.72 27.89
N THR B 158 14.37 -4.67 27.12
CA THR B 158 15.82 -4.78 26.83
C THR B 158 16.06 -4.63 25.32
N GLU B 159 17.21 -4.03 24.97
CA GLU B 159 17.63 -3.87 23.57
C GLU B 159 17.87 -5.24 22.94
N SER B 160 18.41 -6.18 23.72
CA SER B 160 18.65 -7.55 23.29
C SER B 160 17.35 -8.19 22.74
N ALA B 161 16.28 -8.17 23.52
CA ALA B 161 15.00 -8.74 23.06
C ALA B 161 14.45 -7.98 21.83
N LYS B 162 14.60 -6.65 21.82
CA LYS B 162 14.02 -5.83 20.77
C LYS B 162 14.73 -6.11 19.43
N GLN B 163 16.05 -6.30 19.46
CA GLN B 163 16.79 -6.58 18.25
C GLN B 163 16.43 -7.97 17.69
N LEU B 164 16.30 -8.99 18.57
CA LEU B 164 15.90 -10.32 18.13
C LEU B 164 14.45 -10.32 17.66
N ALA B 165 13.58 -9.55 18.33
CA ALA B 165 12.18 -9.46 17.90
C ALA B 165 12.08 -8.79 16.52
N THR B 166 12.92 -7.78 16.29
CA THR B 166 12.93 -7.04 15.03
C THR B 166 13.38 -7.99 13.91
N LEU B 167 14.46 -8.73 14.16
CA LEU B 167 14.97 -9.72 13.21
C LEU B 167 13.87 -10.72 12.87
N PHE B 168 13.16 -11.20 13.91
CA PHE B 168 12.08 -12.18 13.78
C PHE B 168 11.01 -11.69 12.79
N VAL B 169 10.60 -10.42 12.92
CA VAL B 169 9.61 -9.79 12.03
C VAL B 169 10.18 -9.69 10.61
N ASN B 170 11.40 -9.13 10.51
CA ASN B 170 12.07 -8.91 9.23
C ASN B 170 12.17 -10.23 8.45
N LEU B 171 12.49 -11.31 9.16
CA LEU B 171 12.84 -12.57 8.56
C LEU B 171 11.59 -13.33 8.09
N CYS B 172 10.52 -13.24 8.89
CA CYS B 172 9.31 -13.98 8.65
C CYS B 172 8.44 -13.31 7.57
N VAL B 173 8.46 -11.96 7.47
CA VAL B 173 7.53 -11.26 6.55
C VAL B 173 8.24 -10.24 5.66
N THR B 174 9.58 -10.30 5.58
CA THR B 174 10.42 -9.50 4.64
C THR B 174 10.00 -8.02 4.60
N ALA B 175 9.73 -7.46 5.79
CA ALA B 175 9.34 -6.08 5.91
C ALA B 175 9.78 -5.56 7.29
N GLU B 176 9.92 -4.24 7.37
CA GLU B 176 10.33 -3.58 8.58
C GLU B 176 9.15 -3.60 9.56
N THR B 177 9.48 -3.56 10.86
CA THR B 177 8.49 -3.55 11.95
C THR B 177 7.52 -2.37 11.81
N HIS B 178 8.02 -1.23 11.32
CA HIS B 178 7.22 -0.01 11.21
C HIS B 178 6.29 -0.04 9.99
N GLU B 179 6.48 -1.01 9.08
CA GLU B 179 5.68 -1.10 7.86
C GLU B 179 4.39 -1.92 8.08
N VAL B 180 4.37 -2.81 9.07
CA VAL B 180 3.33 -3.87 9.17
C VAL B 180 2.44 -3.65 10.40
N SER B 181 1.14 -3.93 10.23
CA SER B 181 0.15 -4.02 11.31
C SER B 181 0.53 -5.09 12.34
N ALA B 182 0.43 -4.75 13.63
CA ALA B 182 0.59 -5.72 14.70
C ALA B 182 -0.45 -6.84 14.56
N LEU B 183 -1.72 -6.49 14.28
CA LEU B 183 -2.79 -7.53 14.19
C LEU B 183 -2.46 -8.55 13.09
N TRP B 184 -2.03 -8.05 11.93
CA TRP B 184 -1.72 -8.92 10.79
C TRP B 184 -0.54 -9.85 11.14
N PHE B 185 0.53 -9.28 11.69
CA PHE B 185 1.73 -10.06 12.02
C PHE B 185 1.40 -11.13 13.07
N LEU B 186 0.58 -10.79 14.07
CA LEU B 186 0.22 -11.77 15.13
C LEU B 186 -0.69 -12.86 14.56
N TRP B 187 -1.59 -12.47 13.63
CA TRP B 187 -2.45 -13.44 12.93
C TRP B 187 -1.56 -14.40 12.15
N TYR B 188 -0.59 -13.82 11.43
CA TYR B 188 0.30 -14.53 10.54
C TYR B 188 1.08 -15.62 11.29
N VAL B 189 1.59 -15.31 12.49
CA VAL B 189 2.37 -16.26 13.28
C VAL B 189 1.44 -17.36 13.80
N LYS B 190 0.29 -16.94 14.33
CA LYS B 190 -0.72 -17.81 14.89
C LYS B 190 -1.23 -18.85 13.87
N GLN B 191 -1.51 -18.40 12.64
CA GLN B 191 -2.07 -19.25 11.60
C GLN B 191 -1.01 -20.21 11.02
N CYS B 192 0.27 -20.06 11.40
CA CYS B 192 1.33 -21.05 11.12
C CYS B 192 1.53 -22.03 12.29
N GLY B 193 0.76 -21.89 13.37
CA GLY B 193 0.88 -22.76 14.54
C GLY B 193 1.69 -22.15 15.69
N GLY B 194 2.05 -20.87 15.57
CA GLY B 194 2.74 -20.17 16.65
C GLY B 194 4.24 -20.09 16.47
N THR B 195 4.90 -19.44 17.43
CA THR B 195 6.29 -19.01 17.32
C THR B 195 7.19 -20.23 17.10
N THR B 196 7.05 -21.26 17.94
CA THR B 196 7.97 -22.40 17.93
C THR B 196 7.91 -23.07 16.55
N ARG B 197 6.68 -23.31 16.09
CA ARG B 197 6.45 -23.98 14.81
C ARG B 197 7.02 -23.13 13.67
N ILE B 198 6.84 -21.80 13.71
CA ILE B 198 7.20 -21.00 12.54
C ILE B 198 8.72 -20.86 12.42
N ILE B 199 9.47 -20.89 13.55
CA ILE B 199 10.93 -20.59 13.57
C ILE B 199 11.79 -21.86 13.58
N SER B 200 11.17 -23.01 13.79
CA SER B 200 11.88 -24.28 14.00
C SER B 200 12.27 -24.90 12.65
N THR B 201 13.47 -25.49 12.62
CA THR B 201 13.88 -26.40 11.58
C THR B 201 13.33 -27.78 11.99
N THR B 202 13.93 -28.42 13.00
CA THR B 202 13.40 -29.68 13.50
C THR B 202 12.01 -29.44 14.06
N ASN B 203 11.02 -30.16 13.53
CA ASN B 203 9.64 -30.16 14.01
C ASN B 203 8.95 -28.81 13.70
N GLY B 204 9.42 -28.09 12.68
CA GLY B 204 8.81 -26.83 12.28
C GLY B 204 8.80 -26.61 10.78
N GLY B 205 8.55 -25.36 10.39
CA GLY B 205 8.36 -24.96 9.02
C GLY B 205 9.57 -25.16 8.11
N GLN B 206 10.79 -25.25 8.65
CA GLN B 206 12.00 -25.40 7.83
C GLN B 206 12.61 -26.80 7.98
N GLU B 207 11.81 -27.80 8.37
CA GLU B 207 12.33 -29.13 8.57
C GLU B 207 12.85 -29.73 7.26
N ARG B 208 12.18 -29.46 6.14
CA ARG B 208 12.39 -30.27 4.96
C ARG B 208 12.45 -29.43 3.71
N LYS B 209 13.07 -30.04 2.68
CA LYS B 209 13.03 -29.59 1.30
C LYS B 209 12.61 -30.76 0.39
N PHE B 210 12.15 -30.44 -0.81
CA PHE B 210 11.89 -31.46 -1.85
C PHE B 210 13.18 -31.82 -2.59
N VAL B 211 13.35 -33.13 -2.83
CA VAL B 211 14.39 -33.69 -3.68
C VAL B 211 14.11 -33.24 -5.12
N GLY B 212 15.06 -32.50 -5.71
CA GLY B 212 14.92 -31.97 -7.07
C GLY B 212 14.33 -30.57 -7.15
N GLY B 213 13.88 -30.01 -6.01
CA GLY B 213 13.34 -28.65 -5.96
C GLY B 213 11.81 -28.62 -5.92
N SER B 214 11.27 -27.51 -5.40
CA SER B 214 9.84 -27.30 -5.19
C SER B 214 9.12 -26.89 -6.48
N GLY B 215 9.89 -26.37 -7.45
CA GLY B 215 9.35 -26.01 -8.78
C GLY B 215 8.72 -27.21 -9.49
N GLN B 216 9.15 -28.42 -9.10
CA GLN B 216 8.63 -29.67 -9.62
C GLN B 216 7.12 -29.80 -9.35
N VAL B 217 6.64 -29.22 -8.25
CA VAL B 217 5.19 -29.27 -7.98
C VAL B 217 4.41 -28.62 -9.15
N SER B 218 4.75 -27.39 -9.52
CA SER B 218 4.02 -26.69 -10.56
C SER B 218 4.30 -27.33 -11.93
N GLU B 219 5.58 -27.65 -12.20
CA GLU B 219 6.01 -28.28 -13.46
C GLU B 219 5.23 -29.58 -13.68
N ARG B 220 5.08 -30.41 -12.64
CA ARG B 220 4.50 -31.74 -12.82
C ARG B 220 2.97 -31.66 -12.98
N ILE B 221 2.34 -30.60 -12.44
CA ILE B 221 0.93 -30.40 -12.70
C ILE B 221 0.76 -29.88 -14.14
N MET B 222 1.66 -29.01 -14.61
CA MET B 222 1.64 -28.58 -16.00
C MET B 222 1.79 -29.81 -16.93
N ASP B 223 2.60 -30.77 -16.50
CA ASP B 223 2.82 -32.02 -17.25
C ASP B 223 1.48 -32.76 -17.41
N LEU B 224 0.69 -32.83 -16.33
CA LEU B 224 -0.63 -33.47 -16.32
C LEU B 224 -1.59 -32.74 -17.25
N LEU B 225 -1.63 -31.40 -17.17
CA LEU B 225 -2.68 -30.64 -17.84
C LEU B 225 -2.38 -30.47 -19.34
N GLY B 226 -1.12 -30.61 -19.75
CA GLY B 226 -0.70 -30.51 -21.17
C GLY B 226 -0.93 -29.13 -21.73
N ASP B 227 -1.53 -29.07 -22.91
CA ASP B 227 -1.75 -27.83 -23.67
C ASP B 227 -2.89 -26.99 -23.08
N ARG B 228 -3.44 -27.37 -21.92
CA ARG B 228 -4.43 -26.58 -21.20
C ARG B 228 -3.75 -25.39 -20.47
N VAL B 229 -2.43 -25.49 -20.24
CA VAL B 229 -1.64 -24.45 -19.65
C VAL B 229 -1.08 -23.58 -20.78
N LYS B 230 -1.41 -22.29 -20.78
CA LYS B 230 -0.95 -21.33 -21.78
C LYS B 230 0.08 -20.41 -21.13
N LEU B 231 1.35 -20.57 -21.53
CA LEU B 231 2.46 -19.75 -21.05
C LEU B 231 2.49 -18.44 -21.85
N GLU B 232 3.00 -17.38 -21.22
CA GLU B 232 3.09 -16.01 -21.81
C GLU B 232 1.70 -15.53 -22.25
N ARG B 233 0.70 -15.80 -21.40
CA ARG B 233 -0.63 -15.28 -21.55
C ARG B 233 -0.98 -14.45 -20.33
N PRO B 234 -0.42 -13.22 -20.22
CA PRO B 234 -0.83 -12.31 -19.14
C PRO B 234 -2.26 -11.84 -19.40
N VAL B 235 -3.14 -12.04 -18.41
CA VAL B 235 -4.52 -11.58 -18.47
C VAL B 235 -4.56 -10.09 -18.23
N ILE B 236 -5.29 -9.36 -19.10
CA ILE B 236 -5.40 -7.87 -19.09
C ILE B 236 -6.85 -7.41 -18.84
N TYR B 237 -7.83 -8.30 -19.04
CA TYR B 237 -9.22 -7.88 -19.15
C TYR B 237 -10.13 -9.05 -18.79
N ILE B 238 -11.06 -8.81 -17.86
CA ILE B 238 -12.10 -9.77 -17.51
C ILE B 238 -13.46 -9.08 -17.60
N ASP B 239 -14.33 -9.59 -18.49
CA ASP B 239 -15.68 -9.06 -18.76
C ASP B 239 -16.72 -10.05 -18.23
N GLN B 240 -17.55 -9.61 -17.27
CA GLN B 240 -18.61 -10.44 -16.70
C GLN B 240 -20.01 -9.92 -17.05
N THR B 241 -20.16 -9.10 -18.10
CA THR B 241 -21.47 -8.49 -18.44
C THR B 241 -22.39 -9.52 -19.12
N ARG B 242 -21.83 -10.52 -19.81
CA ARG B 242 -22.62 -11.47 -20.64
C ARG B 242 -22.79 -12.81 -19.93
N GLU B 243 -23.44 -13.75 -20.64
CA GLU B 243 -23.83 -15.10 -20.20
C GLU B 243 -22.62 -15.88 -19.68
N ASN B 244 -21.54 -15.87 -20.47
CA ASN B 244 -20.26 -16.49 -20.14
C ASN B 244 -19.23 -15.39 -19.85
N VAL B 245 -18.23 -15.71 -19.02
CA VAL B 245 -17.19 -14.78 -18.62
C VAL B 245 -16.14 -14.74 -19.73
N LEU B 246 -15.69 -13.54 -20.12
CA LEU B 246 -14.66 -13.37 -21.19
C LEU B 246 -13.35 -12.89 -20.56
N VAL B 247 -12.26 -13.62 -20.85
CA VAL B 247 -10.95 -13.33 -20.32
C VAL B 247 -10.01 -13.06 -21.50
N GLU B 248 -9.41 -11.87 -21.54
CA GLU B 248 -8.53 -11.47 -22.63
C GLU B 248 -7.08 -11.40 -22.14
N THR B 249 -6.15 -11.92 -22.96
CA THR B 249 -4.73 -11.88 -22.70
C THR B 249 -4.08 -10.74 -23.49
N LEU B 250 -2.83 -10.43 -23.13
CA LEU B 250 -2.07 -9.34 -23.71
C LEU B 250 -1.72 -9.63 -25.18
N ASN B 251 -1.55 -10.92 -25.50
CA ASN B 251 -1.25 -11.41 -26.84
C ASN B 251 -2.55 -11.59 -27.64
N HIS B 252 -3.64 -10.95 -27.20
CA HIS B 252 -4.91 -10.75 -27.94
C HIS B 252 -5.83 -11.98 -27.97
N GLU B 253 -5.48 -13.06 -27.25
CA GLU B 253 -6.33 -14.24 -27.24
C GLU B 253 -7.51 -13.97 -26.31
N MET B 254 -8.64 -14.64 -26.57
CA MET B 254 -9.87 -14.49 -25.84
C MET B 254 -10.32 -15.89 -25.35
N TYR B 255 -10.63 -15.98 -24.07
CA TYR B 255 -11.04 -17.21 -23.42
C TYR B 255 -12.43 -16.99 -22.81
N GLU B 256 -13.29 -18.00 -22.92
CA GLU B 256 -14.67 -17.90 -22.53
C GLU B 256 -14.93 -19.02 -21.52
N ALA B 257 -15.54 -18.68 -20.38
CA ALA B 257 -15.74 -19.66 -19.34
C ALA B 257 -17.01 -19.38 -18.52
N LYS B 258 -17.45 -20.39 -17.78
CA LYS B 258 -18.50 -20.25 -16.83
C LYS B 258 -17.97 -19.56 -15.57
N TYR B 259 -16.76 -19.95 -15.13
CA TYR B 259 -16.16 -19.44 -13.88
C TYR B 259 -14.68 -19.11 -14.09
N VAL B 260 -14.18 -18.21 -13.24
CA VAL B 260 -12.78 -17.84 -13.18
C VAL B 260 -12.28 -18.00 -11.74
N ILE B 261 -11.05 -18.48 -11.60
CA ILE B 261 -10.28 -18.46 -10.38
C ILE B 261 -9.12 -17.49 -10.60
N SER B 262 -9.05 -16.48 -9.74
CA SER B 262 -7.90 -15.58 -9.68
C SER B 262 -6.90 -16.14 -8.67
N ALA B 263 -5.80 -16.71 -9.19
CA ALA B 263 -4.78 -17.31 -8.33
C ALA B 263 -3.49 -16.47 -8.38
N ILE B 264 -3.65 -15.14 -8.26
CA ILE B 264 -2.53 -14.19 -8.27
C ILE B 264 -2.53 -13.42 -6.95
N PRO B 265 -1.38 -12.85 -6.52
CA PRO B 265 -1.32 -11.97 -5.35
C PRO B 265 -2.33 -10.83 -5.46
N PRO B 266 -3.09 -10.49 -4.39
CA PRO B 266 -4.15 -9.49 -4.47
C PRO B 266 -3.79 -8.24 -5.29
N THR B 267 -2.61 -7.66 -5.04
CA THR B 267 -2.30 -6.37 -5.65
C THR B 267 -2.09 -6.53 -7.17
N LEU B 268 -1.67 -7.72 -7.62
CA LEU B 268 -1.45 -7.97 -9.05
C LEU B 268 -2.79 -8.05 -9.80
N GLY B 269 -3.90 -8.16 -9.06
CA GLY B 269 -5.26 -7.87 -9.53
C GLY B 269 -5.37 -6.54 -10.26
N MET B 270 -4.55 -5.55 -9.85
CA MET B 270 -4.53 -4.21 -10.45
C MET B 270 -4.15 -4.28 -11.94
N LYS B 271 -3.43 -5.32 -12.36
CA LYS B 271 -2.96 -5.42 -13.76
C LYS B 271 -4.10 -5.80 -14.73
N ILE B 272 -5.29 -6.09 -14.19
CA ILE B 272 -6.45 -6.54 -14.97
C ILE B 272 -7.49 -5.41 -14.99
N HIS B 273 -8.00 -5.09 -16.19
CA HIS B 273 -9.13 -4.18 -16.37
C HIS B 273 -10.43 -5.00 -16.30
N PHE B 274 -11.35 -4.58 -15.44
CA PHE B 274 -12.59 -5.29 -15.19
C PHE B 274 -13.78 -4.50 -15.74
N ASN B 275 -14.70 -5.25 -16.35
CA ASN B 275 -16.00 -4.80 -16.79
C ASN B 275 -17.00 -5.84 -16.29
N PRO B 276 -17.97 -5.46 -15.45
CA PRO B 276 -18.12 -4.14 -14.86
C PRO B 276 -17.01 -3.88 -13.84
N PRO B 277 -16.79 -2.60 -13.44
CA PRO B 277 -15.73 -2.28 -12.46
C PRO B 277 -15.89 -3.15 -11.21
N LEU B 278 -14.78 -3.40 -10.50
CA LEU B 278 -14.83 -4.14 -9.24
C LEU B 278 -15.71 -3.37 -8.25
N PRO B 279 -16.37 -4.06 -7.29
CA PRO B 279 -17.00 -3.34 -6.18
C PRO B 279 -15.94 -2.49 -5.45
N MET B 280 -16.42 -1.44 -4.78
CA MET B 280 -15.63 -0.41 -4.08
C MET B 280 -14.53 -1.01 -3.18
N MET B 281 -14.89 -1.93 -2.30
CA MET B 281 -13.99 -2.40 -1.28
C MET B 281 -12.81 -3.17 -1.91
N ARG B 282 -13.05 -4.00 -2.93
CA ARG B 282 -11.95 -4.71 -3.59
C ARG B 282 -11.11 -3.72 -4.42
N ASN B 283 -11.77 -2.80 -5.12
CA ASN B 283 -11.13 -1.78 -5.93
C ASN B 283 -10.03 -1.09 -5.13
N GLN B 284 -10.29 -0.76 -3.86
CA GLN B 284 -9.29 -0.05 -3.01
C GLN B 284 -8.35 -1.05 -2.31
N MET B 285 -8.86 -2.23 -1.93
CA MET B 285 -8.08 -3.23 -1.20
C MET B 285 -6.81 -3.59 -1.98
N ILE B 286 -6.94 -3.77 -3.29
CA ILE B 286 -5.85 -4.25 -4.16
C ILE B 286 -4.80 -3.14 -4.39
N THR B 287 -5.02 -1.96 -3.82
CA THR B 287 -4.01 -0.91 -3.81
C THR B 287 -3.30 -0.83 -2.45
N ARG B 288 -3.71 -1.66 -1.48
CA ARG B 288 -3.29 -1.43 -0.08
C ARG B 288 -2.47 -2.60 0.50
N VAL B 289 -1.99 -3.50 -0.37
CA VAL B 289 -1.52 -4.82 0.04
C VAL B 289 -0.24 -5.14 -0.73
N PRO B 290 0.89 -4.49 -0.37
CA PRO B 290 2.17 -4.80 -0.98
C PRO B 290 2.73 -6.16 -0.56
N LEU B 291 3.75 -6.61 -1.30
CA LEU B 291 4.57 -7.73 -0.89
C LEU B 291 5.92 -7.20 -0.39
N GLY B 292 6.63 -8.04 0.35
CA GLY B 292 7.89 -7.72 0.95
C GLY B 292 9.04 -7.78 -0.04
N SER B 293 10.25 -7.56 0.48
CA SER B 293 11.43 -7.35 -0.30
C SER B 293 12.51 -8.31 0.19
N VAL B 294 13.04 -9.11 -0.74
CA VAL B 294 13.99 -10.12 -0.37
C VAL B 294 14.83 -10.49 -1.60
N ILE B 295 16.08 -10.83 -1.29
CA ILE B 295 16.99 -11.49 -2.19
C ILE B 295 17.36 -12.83 -1.56
N LYS B 296 17.18 -13.91 -2.30
CA LYS B 296 17.63 -15.17 -1.84
C LYS B 296 18.99 -15.45 -2.49
N CYS B 297 19.97 -15.79 -1.65
CA CYS B 297 21.38 -15.95 -2.02
C CYS B 297 21.90 -17.32 -1.57
N ILE B 298 22.57 -18.05 -2.49
CA ILE B 298 23.19 -19.35 -2.19
C ILE B 298 24.65 -19.32 -2.65
N VAL B 299 25.57 -19.46 -1.68
CA VAL B 299 27.02 -19.55 -1.88
C VAL B 299 27.43 -21.03 -1.79
N TYR B 300 28.10 -21.52 -2.83
CA TYR B 300 28.57 -22.92 -2.93
C TYR B 300 30.05 -23.03 -2.48
N TYR B 301 30.36 -24.14 -1.81
CA TYR B 301 31.70 -24.43 -1.34
C TYR B 301 32.05 -25.88 -1.68
N LYS B 302 33.35 -26.17 -1.66
CA LYS B 302 33.92 -27.45 -2.02
C LYS B 302 33.42 -28.51 -1.02
N GLU B 303 33.32 -28.16 0.26
CA GLU B 303 32.89 -29.07 1.33
C GLU B 303 31.98 -28.31 2.29
N PRO B 304 31.14 -29.01 3.10
CA PRO B 304 30.41 -28.38 4.20
C PRO B 304 31.28 -28.18 5.47
N PHE B 305 32.25 -27.26 5.35
CA PHE B 305 33.36 -27.11 6.29
C PHE B 305 32.87 -26.75 7.70
N TRP B 306 31.73 -26.07 7.76
CA TRP B 306 31.13 -25.69 9.02
C TRP B 306 30.84 -26.91 9.92
N ARG B 307 30.48 -28.06 9.33
CA ARG B 307 30.18 -29.27 10.12
C ARG B 307 31.39 -29.76 10.92
N LYS B 308 32.61 -29.56 10.42
CA LYS B 308 33.86 -29.97 11.12
C LYS B 308 34.01 -29.26 12.46
N LYS B 309 33.45 -28.04 12.60
CA LYS B 309 33.51 -27.26 13.82
C LYS B 309 32.21 -27.41 14.64
N ASP B 310 31.41 -28.45 14.34
CA ASP B 310 30.17 -28.75 15.04
C ASP B 310 29.22 -27.55 14.94
N TYR B 311 29.13 -26.97 13.74
CA TYR B 311 28.11 -26.01 13.37
C TYR B 311 27.26 -26.61 12.24
N CYS B 312 25.93 -26.45 12.30
CA CYS B 312 25.03 -27.04 11.32
C CYS B 312 24.91 -26.13 10.09
N GLY B 313 25.22 -24.84 10.24
CA GLY B 313 25.19 -23.90 9.12
C GLY B 313 24.06 -22.88 9.23
N THR B 314 23.22 -23.06 10.26
CA THR B 314 22.24 -22.07 10.66
C THR B 314 22.93 -20.94 11.42
N MET B 315 22.66 -19.71 10.98
CA MET B 315 23.23 -18.52 11.56
C MET B 315 22.10 -17.49 11.72
N ILE B 316 21.97 -16.94 12.94
CA ILE B 316 21.09 -15.81 13.24
C ILE B 316 21.98 -14.62 13.59
N ILE B 317 21.92 -13.59 12.74
CA ILE B 317 22.95 -12.56 12.70
C ILE B 317 22.28 -11.21 12.98
N ASP B 318 22.48 -10.68 14.19
CA ASP B 318 21.84 -9.43 14.63
C ASP B 318 22.51 -8.23 13.94
N GLY B 319 21.82 -7.10 13.85
CA GLY B 319 22.44 -5.78 13.59
C GLY B 319 22.27 -5.28 12.16
N GLU B 320 22.51 -3.97 11.99
CA GLU B 320 22.34 -3.26 10.73
C GLU B 320 23.46 -3.57 9.74
N GLU B 321 24.66 -3.87 10.25
CA GLU B 321 25.88 -3.99 9.42
C GLU B 321 25.80 -5.22 8.50
N ALA B 322 25.29 -6.34 9.03
CA ALA B 322 25.26 -7.63 8.34
C ALA B 322 24.28 -7.60 7.16
N PRO B 323 24.69 -8.02 5.95
CA PRO B 323 23.78 -8.04 4.81
C PRO B 323 22.70 -9.13 4.93
N VAL B 324 23.06 -10.26 5.54
CA VAL B 324 22.21 -11.41 5.73
C VAL B 324 21.95 -11.59 7.22
N ALA B 325 20.69 -11.75 7.59
CA ALA B 325 20.32 -11.93 9.00
C ALA B 325 20.15 -13.41 9.35
N TYR B 326 19.98 -14.27 8.33
CA TYR B 326 19.61 -15.67 8.55
C TYR B 326 20.11 -16.55 7.41
N THR B 327 20.64 -17.72 7.79
CA THR B 327 21.16 -18.72 6.90
C THR B 327 20.76 -20.12 7.34
N LEU B 328 20.71 -21.04 6.36
CA LEU B 328 20.60 -22.47 6.58
C LEU B 328 21.61 -23.20 5.67
N ASP B 329 22.06 -24.37 6.10
CA ASP B 329 22.78 -25.30 5.25
C ASP B 329 21.89 -25.69 4.06
N ASP B 330 22.37 -25.46 2.84
CA ASP B 330 21.65 -25.85 1.64
C ASP B 330 22.36 -27.03 0.94
N THR B 331 23.21 -27.77 1.67
CA THR B 331 23.91 -28.94 1.09
C THR B 331 22.86 -29.99 0.69
N LYS B 332 23.14 -30.76 -0.37
CA LYS B 332 22.27 -31.86 -0.82
C LYS B 332 22.33 -32.99 0.20
N PRO B 333 21.31 -33.86 0.29
CA PRO B 333 21.27 -34.92 1.30
C PRO B 333 22.48 -35.88 1.23
N GLU B 334 23.07 -35.99 0.04
CA GLU B 334 24.18 -36.89 -0.21
C GLU B 334 25.49 -36.29 0.35
N GLY B 335 25.47 -35.01 0.72
CA GLY B 335 26.62 -34.34 1.38
C GLY B 335 27.46 -33.54 0.40
N ASN B 336 26.98 -33.41 -0.84
CA ASN B 336 27.72 -32.75 -1.91
C ASN B 336 26.93 -31.51 -2.34
N TYR B 337 27.50 -30.74 -3.27
CA TYR B 337 27.04 -29.40 -3.61
C TYR B 337 26.86 -28.58 -2.33
N ALA B 338 27.88 -28.63 -1.45
CA ALA B 338 27.91 -27.90 -0.18
C ALA B 338 27.55 -26.43 -0.43
N ALA B 339 26.64 -25.89 0.38
CA ALA B 339 26.20 -24.52 0.18
C ALA B 339 25.58 -23.94 1.45
N ILE B 340 25.64 -22.59 1.53
CA ILE B 340 24.94 -21.80 2.53
C ILE B 340 23.90 -20.92 1.84
N MET B 341 22.63 -21.07 2.26
CA MET B 341 21.51 -20.25 1.78
C MET B 341 21.35 -19.08 2.75
N GLY B 342 21.22 -17.85 2.20
CA GLY B 342 21.02 -16.64 3.02
C GLY B 342 19.90 -15.79 2.47
N PHE B 343 19.21 -15.04 3.34
CA PHE B 343 18.18 -14.09 2.92
C PHE B 343 18.65 -12.66 3.22
N ILE B 344 18.65 -11.79 2.20
CA ILE B 344 18.81 -10.35 2.39
C ILE B 344 17.41 -9.71 2.42
N LEU B 345 17.10 -9.04 3.54
CA LEU B 345 15.73 -8.75 3.94
C LEU B 345 15.45 -7.25 3.90
N ALA B 346 14.27 -6.92 3.37
CA ALA B 346 13.60 -5.65 3.63
C ALA B 346 14.47 -4.51 3.10
N HIS B 347 14.80 -3.49 3.93
CA HIS B 347 15.55 -2.32 3.46
C HIS B 347 16.94 -2.71 2.93
N LYS B 348 17.52 -3.82 3.41
CA LYS B 348 18.83 -4.25 2.95
C LYS B 348 18.75 -4.80 1.52
N ALA B 349 17.62 -5.41 1.18
CA ALA B 349 17.36 -5.87 -0.17
C ALA B 349 17.40 -4.68 -1.14
N ARG B 350 16.73 -3.58 -0.76
CA ARG B 350 16.66 -2.37 -1.58
C ARG B 350 18.07 -1.77 -1.73
N LYS B 351 18.80 -1.70 -0.62
CA LYS B 351 20.12 -1.07 -0.53
C LYS B 351 21.16 -1.86 -1.35
N LEU B 352 21.23 -3.18 -1.13
CA LEU B 352 22.35 -4.02 -1.66
C LEU B 352 22.10 -4.46 -3.11
N ALA B 353 20.91 -4.20 -3.65
CA ALA B 353 20.60 -4.55 -5.03
C ALA B 353 21.25 -3.57 -6.01
N ARG B 354 21.74 -2.42 -5.52
CA ARG B 354 22.51 -1.47 -6.34
C ARG B 354 23.90 -2.03 -6.67
N LEU B 355 24.41 -2.94 -5.84
CA LEU B 355 25.74 -3.53 -6.05
C LEU B 355 25.68 -4.55 -7.19
N THR B 356 26.85 -4.95 -7.68
CA THR B 356 26.98 -6.02 -8.65
C THR B 356 26.89 -7.36 -7.92
N LYS B 357 26.65 -8.40 -8.69
CA LYS B 357 26.55 -9.77 -8.21
C LYS B 357 27.82 -10.14 -7.42
N GLU B 358 28.99 -9.79 -7.97
CA GLU B 358 30.30 -10.13 -7.41
C GLU B 358 30.50 -9.42 -6.07
N GLU B 359 30.03 -8.16 -5.98
CA GLU B 359 30.14 -7.33 -4.77
C GLU B 359 29.28 -7.94 -3.65
N ARG B 360 28.08 -8.42 -3.99
CA ARG B 360 27.25 -9.11 -3.03
C ARG B 360 27.94 -10.39 -2.54
N LEU B 361 28.54 -11.16 -3.46
CA LEU B 361 29.21 -12.42 -3.11
C LEU B 361 30.32 -12.13 -2.07
N LYS B 362 31.12 -11.10 -2.35
CA LYS B 362 32.26 -10.73 -1.51
C LYS B 362 31.78 -10.43 -0.08
N LYS B 363 30.76 -9.58 0.05
CA LYS B 363 30.18 -9.21 1.35
C LYS B 363 29.65 -10.44 2.11
N LEU B 364 28.93 -11.33 1.43
CA LEU B 364 28.39 -12.54 2.05
C LEU B 364 29.50 -13.45 2.57
N CYS B 365 30.55 -13.65 1.75
CA CYS B 365 31.67 -14.52 2.10
C CYS B 365 32.41 -13.99 3.32
N GLU B 366 32.64 -12.67 3.37
CA GLU B 366 33.33 -12.03 4.50
C GLU B 366 32.50 -12.19 5.77
N LEU B 367 31.17 -12.00 5.67
CA LEU B 367 30.27 -12.18 6.80
C LEU B 367 30.36 -13.62 7.32
N TYR B 368 30.21 -14.58 6.42
CA TYR B 368 30.14 -16.00 6.83
C TYR B 368 31.48 -16.44 7.44
N ALA B 369 32.59 -15.87 6.95
CA ALA B 369 33.92 -16.15 7.49
C ALA B 369 33.99 -15.71 8.96
N LYS B 370 33.42 -14.52 9.24
CA LYS B 370 33.41 -13.97 10.58
C LYS B 370 32.53 -14.84 11.47
N VAL B 371 31.32 -15.15 11.00
CA VAL B 371 30.33 -15.82 11.85
C VAL B 371 30.74 -17.28 12.10
N LEU B 372 31.17 -17.98 11.05
CA LEU B 372 31.55 -19.38 11.18
C LEU B 372 32.99 -19.49 11.68
N GLY B 373 33.73 -18.38 11.68
CA GLY B 373 35.12 -18.33 12.15
C GLY B 373 36.03 -19.20 11.30
N SER B 374 35.94 -19.04 9.98
CA SER B 374 36.62 -19.94 9.04
C SER B 374 37.02 -19.19 7.76
N LEU B 375 38.28 -19.34 7.34
CA LEU B 375 38.76 -18.76 6.11
C LEU B 375 38.22 -19.52 4.89
N GLU B 376 37.74 -20.76 5.08
CA GLU B 376 37.15 -21.56 4.00
C GLU B 376 35.95 -20.84 3.38
N ALA B 377 35.28 -19.99 4.16
CA ALA B 377 34.12 -19.20 3.72
C ALA B 377 34.51 -18.17 2.64
N LEU B 378 35.81 -17.88 2.53
CA LEU B 378 36.30 -16.88 1.59
C LEU B 378 36.59 -17.49 0.21
N GLU B 379 36.34 -18.81 0.07
CA GLU B 379 36.76 -19.55 -1.13
C GLU B 379 35.54 -20.21 -1.79
N PRO B 380 34.55 -19.42 -2.27
CA PRO B 380 33.33 -19.99 -2.84
C PRO B 380 33.63 -20.56 -4.23
N VAL B 381 32.95 -21.64 -4.64
CA VAL B 381 33.17 -22.28 -5.95
C VAL B 381 32.07 -21.82 -6.93
N HIS B 382 30.99 -21.23 -6.42
CA HIS B 382 29.85 -20.78 -7.23
C HIS B 382 28.88 -19.96 -6.38
N TYR B 383 27.99 -19.22 -7.04
CA TYR B 383 27.05 -18.32 -6.40
C TYR B 383 25.80 -18.19 -7.27
N GLU B 384 24.62 -18.35 -6.65
CA GLU B 384 23.31 -18.08 -7.29
C GLU B 384 22.49 -17.16 -6.37
N GLU B 385 21.67 -16.31 -6.98
CA GLU B 385 20.81 -15.41 -6.23
C GLU B 385 19.60 -15.05 -7.08
N LYS B 386 18.53 -14.62 -6.40
CA LYS B 386 17.38 -14.04 -7.06
C LYS B 386 16.78 -12.93 -6.19
N ASN B 387 16.58 -11.78 -6.82
CA ASN B 387 15.94 -10.60 -6.27
C ASN B 387 14.48 -10.60 -6.72
N TRP B 388 13.55 -10.80 -5.77
CA TRP B 388 12.14 -10.96 -6.09
C TRP B 388 11.42 -9.61 -6.22
N CYS B 389 12.10 -8.53 -5.83
CA CYS B 389 11.57 -7.18 -5.91
C CYS B 389 11.39 -6.76 -7.38
N GLU B 390 12.19 -7.32 -8.29
CA GLU B 390 12.22 -6.83 -9.68
C GLU B 390 11.18 -7.55 -10.56
N GLU B 391 10.38 -8.45 -9.97
CA GLU B 391 9.45 -9.30 -10.70
C GLU B 391 8.10 -8.62 -10.92
N GLN B 392 7.79 -8.27 -12.18
CA GLN B 392 6.50 -7.68 -12.56
C GLN B 392 5.32 -8.59 -12.16
N TYR B 393 5.49 -9.92 -12.16
CA TYR B 393 4.34 -10.80 -11.94
C TYR B 393 4.41 -11.55 -10.59
N SER B 394 5.29 -11.10 -9.69
CA SER B 394 5.23 -11.47 -8.23
C SER B 394 4.95 -10.21 -7.38
N GLY B 395 5.73 -9.14 -7.61
CA GLY B 395 5.70 -7.90 -6.86
C GLY B 395 6.54 -7.94 -5.59
N GLY B 396 7.18 -9.09 -5.33
CA GLY B 396 8.04 -9.29 -4.17
C GLY B 396 7.91 -10.70 -3.64
N CYS B 397 8.42 -10.91 -2.42
CA CYS B 397 8.34 -12.17 -1.71
C CYS B 397 8.55 -11.88 -0.21
N TYR B 398 8.12 -12.81 0.67
CA TYR B 398 7.53 -14.10 0.34
C TYR B 398 6.03 -13.96 0.02
N THR B 399 5.37 -13.03 0.70
CA THR B 399 3.94 -12.84 0.57
C THR B 399 3.54 -11.37 0.76
N THR B 400 2.23 -11.15 0.74
CA THR B 400 1.59 -9.86 0.95
C THR B 400 1.58 -9.54 2.45
N TYR B 401 2.05 -8.34 2.82
CA TYR B 401 1.88 -7.85 4.19
C TYR B 401 0.76 -6.78 4.19
N PHE B 402 0.18 -6.57 5.38
CA PHE B 402 -0.86 -5.59 5.59
C PHE B 402 -0.32 -4.46 6.47
N PRO B 403 -0.27 -3.22 5.93
CA PRO B 403 0.06 -2.04 6.74
C PRO B 403 -1.02 -1.76 7.79
N PRO B 404 -0.71 -0.89 8.78
CA PRO B 404 -1.66 -0.59 9.84
C PRO B 404 -2.96 -0.05 9.25
N GLY B 405 -4.09 -0.60 9.73
CA GLY B 405 -5.44 -0.15 9.41
C GLY B 405 -6.15 -0.97 8.33
N ILE B 406 -5.40 -1.77 7.56
CA ILE B 406 -5.93 -2.33 6.33
C ILE B 406 -6.69 -3.65 6.59
N LEU B 407 -6.11 -4.55 7.41
CA LEU B 407 -6.69 -5.89 7.63
C LEU B 407 -8.11 -5.78 8.18
N THR B 408 -8.36 -4.87 9.13
CA THR B 408 -9.72 -4.71 9.74
C THR B 408 -10.72 -4.11 8.74
N GLN B 409 -10.25 -3.20 7.88
CA GLN B 409 -11.14 -2.46 6.95
C GLN B 409 -11.41 -3.25 5.66
N TYR B 410 -10.44 -4.05 5.20
CA TYR B 410 -10.52 -4.67 3.87
C TYR B 410 -10.32 -6.19 3.90
N GLY B 411 -9.96 -6.76 5.07
CA GLY B 411 -9.61 -8.20 5.20
C GLY B 411 -10.72 -9.13 4.73
N ARG B 412 -11.97 -8.79 5.09
CA ARG B 412 -13.17 -9.54 4.71
C ARG B 412 -13.26 -9.78 3.20
N VAL B 413 -12.76 -8.86 2.36
CA VAL B 413 -13.08 -8.88 0.93
C VAL B 413 -12.13 -9.84 0.20
N LEU B 414 -11.04 -10.25 0.85
CA LEU B 414 -9.92 -10.94 0.20
C LEU B 414 -10.40 -12.19 -0.56
N ARG B 415 -11.25 -13.02 0.06
CA ARG B 415 -11.75 -14.21 -0.63
C ARG B 415 -13.26 -14.14 -0.93
N GLN B 416 -13.81 -12.93 -0.96
CA GLN B 416 -15.21 -12.75 -1.32
C GLN B 416 -15.35 -12.84 -2.84
N PRO B 417 -16.15 -13.79 -3.37
CA PRO B 417 -16.37 -13.89 -4.82
C PRO B 417 -16.88 -12.55 -5.39
N VAL B 418 -16.42 -12.19 -6.57
CA VAL B 418 -17.00 -11.13 -7.39
C VAL B 418 -17.70 -11.78 -8.58
N ASP B 419 -19.02 -11.98 -8.43
CA ASP B 419 -19.90 -12.64 -9.42
C ASP B 419 -19.36 -14.06 -9.69
N ARG B 420 -18.68 -14.27 -10.82
CA ARG B 420 -18.21 -15.63 -11.18
C ARG B 420 -16.67 -15.73 -11.06
N ILE B 421 -16.04 -14.75 -10.39
CA ILE B 421 -14.61 -14.81 -10.06
C ILE B 421 -14.46 -15.27 -8.60
N TYR B 422 -13.72 -16.36 -8.39
CA TYR B 422 -13.38 -16.85 -7.06
C TYR B 422 -11.88 -16.67 -6.83
N PHE B 423 -11.48 -16.52 -5.57
CA PHE B 423 -10.15 -16.03 -5.26
C PHE B 423 -9.33 -17.09 -4.53
N ALA B 424 -8.19 -17.43 -5.14
CA ALA B 424 -7.21 -18.35 -4.59
C ALA B 424 -5.92 -17.58 -4.29
N GLY B 425 -4.78 -18.27 -4.29
CA GLY B 425 -3.51 -17.70 -3.91
C GLY B 425 -3.29 -17.85 -2.41
N THR B 426 -2.02 -17.98 -2.00
CA THR B 426 -1.68 -18.31 -0.61
C THR B 426 -2.25 -17.25 0.36
N GLU B 427 -2.42 -16.02 -0.11
CA GLU B 427 -2.90 -14.90 0.69
C GLU B 427 -4.32 -15.17 1.24
N THR B 428 -5.09 -16.05 0.59
CA THR B 428 -6.50 -16.31 0.97
C THR B 428 -6.63 -17.54 1.86
N ALA B 429 -5.51 -18.18 2.20
CA ALA B 429 -5.53 -19.36 3.07
C ALA B 429 -5.71 -18.95 4.52
N THR B 430 -6.04 -19.94 5.36
CA THR B 430 -6.26 -19.79 6.79
C THR B 430 -5.25 -20.59 7.63
N HIS B 431 -4.51 -21.49 6.98
CA HIS B 431 -3.44 -22.26 7.61
C HIS B 431 -2.22 -22.18 6.68
N TRP B 432 -1.08 -21.72 7.23
CA TRP B 432 0.17 -21.43 6.53
C TRP B 432 -0.08 -20.56 5.29
N SER B 433 -1.00 -19.60 5.40
CA SER B 433 -1.05 -18.50 4.43
C SER B 433 0.33 -17.84 4.31
N GLY B 434 0.72 -17.53 3.07
CA GLY B 434 2.05 -17.00 2.76
C GLY B 434 3.04 -18.06 2.33
N TYR B 435 2.68 -19.35 2.51
CA TYR B 435 3.52 -20.50 2.18
C TYR B 435 2.94 -21.30 1.00
N MET B 436 3.70 -22.30 0.54
CA MET B 436 3.27 -23.23 -0.48
C MET B 436 2.08 -24.04 0.05
N GLU B 437 2.10 -24.40 1.34
CA GLU B 437 0.97 -25.06 1.98
C GLU B 437 -0.33 -24.24 1.78
N GLY B 438 -0.27 -22.94 2.06
CA GLY B 438 -1.41 -22.05 1.90
C GLY B 438 -1.90 -21.96 0.45
N ALA B 439 -0.97 -21.99 -0.50
CA ALA B 439 -1.30 -21.90 -1.90
C ALA B 439 -2.22 -23.08 -2.29
N VAL B 440 -1.88 -24.28 -1.79
CA VAL B 440 -2.62 -25.53 -2.05
C VAL B 440 -4.00 -25.45 -1.39
N GLU B 441 -4.05 -25.09 -0.10
CA GLU B 441 -5.30 -24.96 0.60
C GLU B 441 -6.25 -24.03 -0.17
N ALA B 442 -5.73 -22.87 -0.61
CA ALA B 442 -6.54 -21.82 -1.21
C ALA B 442 -6.99 -22.20 -2.62
N GLY B 443 -6.10 -22.84 -3.40
CA GLY B 443 -6.42 -23.32 -4.74
C GLY B 443 -7.54 -24.36 -4.73
N GLU B 444 -7.42 -25.35 -3.84
CA GLU B 444 -8.37 -26.42 -3.75
C GLU B 444 -9.72 -25.90 -3.22
N ARG B 445 -9.69 -24.98 -2.24
CA ARG B 445 -10.90 -24.42 -1.64
C ARG B 445 -11.69 -23.63 -2.71
N ALA B 446 -10.99 -22.77 -3.47
CA ALA B 446 -11.60 -21.95 -4.50
C ALA B 446 -12.20 -22.84 -5.59
N ALA B 447 -11.51 -23.95 -5.88
CA ALA B 447 -11.98 -24.95 -6.86
C ALA B 447 -13.31 -25.58 -6.37
N ARG B 448 -13.37 -25.94 -5.09
CA ARG B 448 -14.58 -26.56 -4.53
C ARG B 448 -15.73 -25.54 -4.39
N GLU B 449 -15.42 -24.24 -4.25
CA GLU B 449 -16.44 -23.20 -4.27
C GLU B 449 -17.15 -23.21 -5.64
N ILE B 450 -16.39 -23.39 -6.72
CA ILE B 450 -16.96 -23.45 -8.06
C ILE B 450 -17.75 -24.76 -8.27
N LEU B 451 -17.25 -25.88 -7.73
CA LEU B 451 -17.97 -27.14 -7.80
C LEU B 451 -19.34 -27.02 -7.10
N HIS B 452 -19.37 -26.30 -5.96
CA HIS B 452 -20.60 -26.08 -5.23
C HIS B 452 -21.55 -25.16 -6.01
N ALA B 453 -21.02 -24.08 -6.61
CA ALA B 453 -21.84 -23.16 -7.43
C ALA B 453 -22.48 -23.89 -8.61
N MET B 454 -21.84 -24.96 -9.10
CA MET B 454 -22.31 -25.78 -10.21
C MET B 454 -23.26 -26.90 -9.75
N GLY B 455 -23.39 -27.13 -8.45
CA GLY B 455 -24.32 -28.13 -7.87
C GLY B 455 -23.69 -29.49 -7.60
N LYS B 456 -22.40 -29.65 -7.92
CA LYS B 456 -21.72 -30.95 -7.89
C LYS B 456 -21.42 -31.43 -6.46
N ILE B 457 -21.26 -30.49 -5.52
CA ILE B 457 -20.93 -30.85 -4.14
C ILE B 457 -21.72 -29.96 -3.21
N PRO B 458 -22.05 -30.42 -1.97
CA PRO B 458 -22.76 -29.60 -0.99
C PRO B 458 -21.82 -28.62 -0.28
N GLU B 459 -22.40 -27.62 0.40
CA GLU B 459 -21.68 -26.48 0.93
C GLU B 459 -20.64 -26.92 1.96
N ASP B 460 -20.91 -27.99 2.69
CA ASP B 460 -20.06 -28.42 3.81
C ASP B 460 -18.81 -29.15 3.29
N GLU B 461 -18.63 -29.26 1.98
CA GLU B 461 -17.43 -29.91 1.41
C GLU B 461 -16.46 -28.88 0.77
N ILE B 462 -16.81 -27.58 0.80
CA ILE B 462 -15.95 -26.48 0.25
C ILE B 462 -14.63 -26.40 1.04
N TRP B 463 -14.73 -26.45 2.38
CA TRP B 463 -13.60 -26.54 3.28
C TRP B 463 -13.43 -28.00 3.73
N GLN B 464 -12.23 -28.53 3.50
CA GLN B 464 -11.93 -29.94 3.74
C GLN B 464 -10.67 -30.07 4.60
N SER B 465 -10.74 -30.91 5.63
CA SER B 465 -9.59 -31.23 6.47
C SER B 465 -8.62 -32.13 5.69
N GLU B 466 -7.40 -32.24 6.19
CA GLU B 466 -6.33 -32.99 5.54
C GLU B 466 -5.74 -33.96 6.56
N PRO B 467 -5.73 -35.28 6.30
CA PRO B 467 -5.10 -36.21 7.24
C PRO B 467 -3.59 -35.92 7.34
N GLU B 468 -2.98 -36.29 8.47
CA GLU B 468 -1.59 -36.03 8.72
C GLU B 468 -0.71 -36.90 7.79
N SER B 469 0.38 -36.28 7.29
CA SER B 469 1.46 -36.98 6.55
C SER B 469 2.08 -38.09 7.42
N VAL B 470 2.19 -39.31 6.87
CA VAL B 470 2.86 -40.43 7.59
C VAL B 470 4.38 -40.22 7.55
N ASP B 471 4.87 -39.55 6.51
CA ASP B 471 6.31 -39.32 6.25
C ASP B 471 6.83 -38.14 7.09
N VAL B 472 5.98 -37.12 7.34
CA VAL B 472 6.37 -35.90 8.06
C VAL B 472 5.39 -35.68 9.21
N PRO B 473 5.38 -36.59 10.22
CA PRO B 473 4.49 -36.44 11.38
C PRO B 473 4.89 -35.23 12.23
N ALA B 474 3.91 -34.61 12.88
CA ALA B 474 4.12 -33.46 13.75
C ALA B 474 4.19 -33.94 15.20
N GLN B 475 5.21 -33.50 15.92
CA GLN B 475 5.30 -33.69 17.36
C GLN B 475 4.68 -32.47 18.05
N PRO B 476 4.15 -32.62 19.28
CA PRO B 476 3.51 -31.49 19.97
C PRO B 476 4.48 -30.33 20.28
N ILE B 477 3.96 -29.11 20.36
CA ILE B 477 4.71 -27.97 20.89
C ILE B 477 4.55 -27.99 22.42
N THR B 478 5.68 -28.05 23.13
CA THR B 478 5.67 -28.05 24.59
C THR B 478 6.36 -26.78 25.12
N THR B 479 5.91 -26.33 26.30
CA THR B 479 6.58 -25.33 27.13
C THR B 479 6.88 -25.94 28.50
N THR B 480 7.72 -25.27 29.26
CA THR B 480 8.01 -25.62 30.66
C THR B 480 7.17 -24.77 31.61
N PHE B 481 7.14 -25.18 32.89
CA PHE B 481 6.49 -24.44 33.98
C PHE B 481 7.07 -23.02 34.10
N LEU B 482 8.41 -22.89 34.13
CA LEU B 482 9.06 -21.57 34.27
C LEU B 482 8.73 -20.66 33.07
N GLU B 483 8.80 -21.21 31.86
CA GLU B 483 8.48 -20.43 30.66
C GLU B 483 7.04 -19.89 30.73
N ARG B 484 6.11 -20.70 31.26
CA ARG B 484 4.69 -20.30 31.36
C ARG B 484 4.46 -19.23 32.44
N HIS B 485 5.16 -19.34 33.59
CA HIS B 485 4.81 -18.57 34.82
C HIS B 485 5.87 -17.53 35.24
N LEU B 486 7.05 -17.48 34.61
CA LEU B 486 8.00 -16.44 34.98
C LEU B 486 7.43 -15.08 34.61
N PRO B 487 7.66 -14.06 35.48
CA PRO B 487 7.17 -12.71 35.22
C PRO B 487 7.91 -12.00 34.08
N SER B 488 7.25 -11.02 33.48
CA SER B 488 7.87 -10.06 32.60
C SER B 488 8.75 -9.11 33.42
N VAL B 489 9.47 -8.21 32.76
CA VAL B 489 10.28 -7.22 33.44
C VAL B 489 9.36 -6.29 34.23
N PRO B 490 8.34 -5.63 33.61
CA PRO B 490 7.40 -4.81 34.38
C PRO B 490 6.60 -5.60 35.43
N GLY B 491 6.41 -6.90 35.20
CA GLY B 491 5.85 -7.82 36.20
C GLY B 491 6.77 -7.98 37.41
N LEU B 492 8.08 -8.05 37.19
CA LEU B 492 9.07 -8.14 38.27
C LEU B 492 9.20 -6.80 39.00
N LEU B 493 8.97 -5.68 38.29
CA LEU B 493 9.03 -4.35 38.88
C LEU B 493 7.83 -4.12 39.83
N ARG B 494 6.60 -4.42 39.37
CA ARG B 494 5.40 -4.29 40.22
C ARG B 494 5.67 -4.90 41.60
N LEU B 495 6.14 -6.16 41.63
CA LEU B 495 6.40 -6.91 42.87
C LEU B 495 7.37 -6.16 43.79
N ILE B 496 8.32 -5.42 43.21
CA ILE B 496 9.29 -4.61 43.96
C ILE B 496 8.87 -3.13 43.92
PA FAD C . -6.36 12.68 -12.41
O1A FAD C . -7.37 13.77 -12.25
O2A FAD C . -6.57 11.37 -11.69
O5B FAD C . -6.20 12.36 -13.99
C5B FAD C . -5.79 11.06 -14.41
C4B FAD C . -6.49 10.66 -15.71
O4B FAD C . -5.90 9.45 -16.17
C3B FAD C . -7.96 10.36 -15.52
O3B FAD C . -8.75 11.08 -16.46
C2B FAD C . -8.05 8.85 -15.68
O2B FAD C . -9.28 8.40 -16.20
C1B FAD C . -6.87 8.54 -16.60
N9A FAD C . -6.30 7.15 -16.52
C8A FAD C . -6.07 6.38 -15.44
N7A FAD C . -5.54 5.19 -15.84
C5A FAD C . -5.44 5.21 -17.19
C6A FAD C . -4.98 4.31 -18.16
N6A FAD C . -4.49 3.11 -17.84
N1A FAD C . -5.01 4.67 -19.46
C2A FAD C . -5.49 5.89 -19.83
N3A FAD C . -5.94 6.79 -18.93
C4A FAD C . -5.92 6.46 -17.60
N1 FAD C . -7.97 19.53 -5.55
C2 FAD C . -8.11 20.89 -5.49
O2 FAD C . -7.25 21.62 -6.04
N3 FAD C . -9.16 21.46 -4.82
C4 FAD C . -10.06 20.68 -4.22
O4 FAD C . -11.02 21.23 -3.64
C4X FAD C . -9.93 19.31 -4.26
N5 FAD C . -10.83 18.51 -3.63
C5X FAD C . -10.92 17.21 -3.95
C6 FAD C . -12.11 16.52 -3.65
C7 FAD C . -12.41 15.30 -4.23
C7M FAD C . -13.70 14.64 -3.83
C8 FAD C . -11.51 14.78 -5.14
C8M FAD C . -11.71 13.45 -5.85
C9 FAD C . -10.33 15.46 -5.41
C9A FAD C . -10.01 16.69 -4.83
N10 FAD C . -8.83 17.37 -5.01
C10 FAD C . -8.88 18.71 -4.95
C1' FAD C . -7.76 16.79 -5.83
C2' FAD C . -7.81 17.10 -7.34
O2' FAD C . -9.06 16.77 -7.94
C3' FAD C . -6.71 16.27 -8.00
O3' FAD C . -5.49 16.57 -7.33
C4' FAD C . -6.46 16.50 -9.48
O4' FAD C . -7.67 16.52 -10.25
C5' FAD C . -5.54 15.38 -10.03
O5' FAD C . -5.29 15.62 -11.42
P FAD C . -4.27 14.68 -12.22
O1P FAD C . -4.36 15.08 -13.68
O2P FAD C . -2.96 14.66 -11.53
O3P FAD C . -4.89 13.20 -11.97
FAB K6Q D . -9.33 22.75 11.58
CAP K6Q D . -9.49 22.59 10.26
CAG K6Q D . -8.84 21.59 9.61
CAI K6Q D . -9.01 21.45 8.28
CAH K6Q D . -10.29 23.45 9.57
CAJ K6Q D . -10.44 23.29 8.26
CAQ K6Q D . -9.79 22.32 7.59
CAD K6Q D . -10.03 22.18 6.17
CAE K6Q D . -9.30 21.39 5.32
CAR K6Q D . -9.75 21.34 3.82
CAM K6Q D . -10.77 20.22 3.73
CAO K6Q D . -11.27 19.94 2.32
CAL K6Q D . -8.63 21.06 2.82
CAN K6Q D . -9.23 20.91 1.41
NAS K6Q D . -10.12 19.76 1.43
CAF K6Q D . -10.50 19.05 0.23
CAC K6Q D . -10.28 19.58 -1.08
CAK K6Q D . -10.67 18.76 -2.21
C1 C15 E . 5.31 11.93 25.21
C2 C15 E . 4.13 12.48 26.03
C3 C15 E . 2.96 11.49 25.98
N1 C15 E . 1.73 11.94 26.68
C1N C15 E . 1.15 13.14 26.04
C2N C15 E . 0.75 10.85 26.52
C12 C15 E . 4.28 11.42 32.51
C13 C15 E . 3.66 10.73 31.30
C14 C15 E . 2.79 11.68 30.45
C15 C15 E . 2.68 11.24 28.99
C16 C15 E . 1.95 12.27 28.13
S1 C15 E . 6.81 12.47 25.72
O1S C15 E . 7.78 11.83 24.86
O2S C15 E . 7.07 12.05 27.07
O3S C15 E . 6.97 14.10 25.59
PA FAD F . 2.37 -17.24 -7.05
O1A FAD F . 3.35 -18.37 -6.87
O2A FAD F . 2.82 -15.81 -6.99
O5B FAD F . 1.63 -17.50 -8.49
C5B FAD F . 0.91 -16.55 -9.22
C4B FAD F . 1.15 -16.77 -10.70
O4B FAD F . 0.32 -15.85 -11.41
C3B FAD F . 2.58 -16.50 -11.16
O3B FAD F . 3.06 -17.54 -11.98
C2B FAD F . 2.44 -15.22 -11.94
O2B FAD F . 3.41 -15.09 -12.98
C1B FAD F . 1.05 -15.30 -12.49
N9A FAD F . 0.41 -14.02 -12.85
C8A FAD F . 0.50 -12.82 -12.25
N7A FAD F . -0.24 -11.91 -12.88
C5A FAD F . -0.83 -12.54 -13.93
C6A FAD F . -1.70 -12.15 -14.95
N6A FAD F . -2.14 -10.88 -15.07
N1A FAD F . -2.09 -13.08 -15.86
C2A FAD F . -1.66 -14.35 -15.77
N3A FAD F . -0.83 -14.77 -14.81
C4A FAD F . -0.40 -13.88 -13.88
N1 FAD F . 7.02 -20.75 0.99
C2 FAD F . 7.26 -21.91 1.60
O2 FAD F . 6.30 -22.74 1.75
N3 FAD F . 8.50 -22.20 2.04
C4 FAD F . 9.51 -21.31 1.85
O4 FAD F . 10.68 -21.61 2.20
C4X FAD F . 9.26 -20.10 1.24
N5 FAD F . 10.23 -19.14 1.08
C5X FAD F . 10.08 -18.16 0.15
C6 FAD F . 11.20 -17.50 -0.30
C7 FAD F . 11.17 -16.68 -1.40
C7M FAD F . 12.46 -16.01 -1.78
C8 FAD F . 9.96 -16.52 -2.08
C8M FAD F . 9.83 -15.64 -3.30
C9 FAD F . 8.82 -17.20 -1.61
C9A FAD F . 8.85 -18.05 -0.49
N10 FAD F . 7.77 -18.65 0.14
C10 FAD F . 7.99 -19.82 0.78
C1' FAD F . 6.39 -18.35 -0.26
C2' FAD F . 5.86 -19.27 -1.38
O2' FAD F . 6.79 -19.33 -2.49
C3' FAD F . 4.53 -18.71 -1.90
O3' FAD F . 3.65 -18.65 -0.77
C4' FAD F . 3.81 -19.52 -2.97
O4' FAD F . 4.69 -19.91 -4.03
C5' FAD F . 2.68 -18.67 -3.59
O5' FAD F . 1.92 -19.45 -4.51
P FAD F . 0.69 -18.84 -5.33
O1P FAD F . 0.25 -19.80 -6.38
O2P FAD F . -0.28 -18.43 -4.27
O3P FAD F . 1.18 -17.45 -5.98
FAB K6Q G . 14.84 -16.56 15.92
CAP K6Q G . 14.43 -17.05 14.74
CAG K6Q G . 13.49 -16.39 14.00
CAI K6Q G . 13.08 -16.91 12.83
CAH K6Q G . 14.94 -18.22 14.30
CAJ K6Q G . 14.51 -18.71 13.13
CAQ K6Q G . 13.58 -18.08 12.38
CAD K6Q G . 13.19 -18.67 11.12
CAE K6Q G . 12.49 -18.00 10.14
CAR K6Q G . 12.21 -18.75 8.86
CAM K6Q G . 13.23 -18.27 7.80
CAO K6Q G . 12.60 -17.49 6.64
CAL K6Q G . 10.77 -18.67 8.31
CAN K6Q G . 10.72 -19.20 6.86
NAS K6Q G . 11.56 -18.31 6.01
CAF K6Q G . 11.43 -18.13 4.62
CAC K6Q G . 10.60 -18.97 3.81
CAK K6Q G . 10.54 -18.69 2.40
C1 C15 H . 5.96 0.39 27.96
C2 C15 H . 7.38 0.55 28.53
C3 C15 H . 8.28 1.29 27.54
N1 C15 H . 9.73 1.04 27.73
C1N C15 H . 10.05 -0.39 27.52
C2N C15 H . 10.46 1.85 26.75
C16 C15 H . 10.15 1.45 29.09
S1 C15 H . 4.72 0.78 29.02
O1S C15 H . 3.51 0.86 28.25
O2S C15 H . 4.56 -0.37 30.19
O3S C15 H . 4.95 2.04 29.65
#